data_6XKP
#
_entry.id   6XKP
#
_cell.length_a   175.020
_cell.length_b   151.785
_cell.length_c   66.015
_cell.angle_alpha   90.000
_cell.angle_beta   95.440
_cell.angle_gamma   90.000
#
_symmetry.space_group_name_H-M   'C 1 2 1'
#
loop_
_entity.id
_entity.type
_entity.pdbx_description
1 polymer 'Spike protein S1'
2 polymer 'CV07-270 Heavy Chain'
3 polymer 'CV07-270 Light Chain'
4 non-polymer 2-acetamido-2-deoxy-beta-D-glucopyranose
5 non-polymer 'SULFATE ION'
#
loop_
_entity_poly.entity_id
_entity_poly.type
_entity_poly.pdbx_seq_one_letter_code
_entity_poly.pdbx_strand_id
1 'polypeptide(L)'
;RVQPTESIVRFPNITNLCPFGEVFNATRFASVYAWNRKRISNCVADYSVLYNSASFSTFKCYGVSPTKLNDLCFTNVYAD
SFVIRGDEVRQIAPGQTGKIADYNYKLPDDFTGCVIAWNSNNLDSKVGGNYNYLYRLFRKSNLKPFERDISTEIYQAGST
PCNGVEGFNCYFPLQSYGFQPTNGVGYQPYRVVVLSFELLHAPATVCGPKKSTNLVKNKCVNFSGHHHHHH
;
A,B
2 'polypeptide(L)'
;QVQLVESGGGLVKPGGSLRLSCAASGFTFSDYYMTWIRQAPGKGLEWVSYISSSGSTIYYADSVKGRFTISRDNAKNSLY
LQMNSLRAEDTAVYYCARARGSSGWYRIGTRWGNWFDPWGQGTLVTVSSASTKGPSVFPLAPSSKSTSGGTAALGCLVKD
YFPEPVTVSWNSGALTSGVHTFPAVLQSSGLYSLSSVVTVPSSSLGTQTYICNVNHKPSNTKVDKKVEPKSC
;
H,M
3 'polypeptide(L)'
;QSALTQPASVSGSPGQSITISCTGTSSDVGGYNYVSWYQQHPGKAPKLMIYEVSNRPSGVSNRFSGSKSGNTASLTISGL
QAEDEADYYCSSYTSSSNVVFGGGTMLTVLGQPKAAPSVTLFPPSSEELQANKATLVCLISDFYPGAVTVAWKADSSPVK
AGVETTTPSKQSNNKYAASSYLSLTPEQWKSHRSYSCQVTHEGSTVEKTVAPTECS
;
L,N
#
# COMPACT_ATOMS: atom_id res chain seq x y z
N ASN A 16 22.01 21.01 -17.84
CA ASN A 16 22.48 19.78 -18.46
C ASN A 16 23.74 19.23 -17.78
N LEU A 17 24.01 19.68 -16.55
CA LEU A 17 25.10 19.12 -15.76
C LEU A 17 24.60 17.85 -15.07
N CYS A 18 25.52 16.94 -14.77
CA CYS A 18 25.09 15.64 -14.28
C CYS A 18 24.72 15.73 -12.81
N PRO A 19 23.53 15.22 -12.42
CA PRO A 19 22.93 15.45 -11.09
C PRO A 19 23.53 14.59 -9.98
N PHE A 20 24.79 14.85 -9.67
CA PHE A 20 25.43 14.11 -8.59
C PHE A 20 24.83 14.48 -7.24
N GLY A 21 24.41 15.73 -7.10
CA GLY A 21 23.83 16.18 -5.83
C GLY A 21 22.67 15.31 -5.39
N GLU A 22 21.84 14.88 -6.35
CA GLU A 22 20.69 14.04 -6.00
C GLU A 22 21.12 12.74 -5.34
N VAL A 23 22.27 12.20 -5.71
CA VAL A 23 22.74 10.96 -5.11
C VAL A 23 23.45 11.23 -3.79
N PHE A 24 24.43 12.13 -3.80
CA PHE A 24 25.22 12.31 -2.60
C PHE A 24 24.44 13.03 -1.51
N ASN A 25 23.55 13.95 -1.89
CA ASN A 25 22.86 14.80 -0.92
C ASN A 25 21.46 14.30 -0.58
N ALA A 26 21.12 13.06 -0.94
CA ALA A 26 19.80 12.54 -0.62
C ALA A 26 19.58 12.50 0.88
N THR A 27 18.37 12.85 1.30
CA THR A 27 18.01 12.80 2.72
C THR A 27 18.13 11.39 3.25
N ARG A 28 17.66 10.40 2.49
CA ARG A 28 17.59 9.02 2.90
C ARG A 28 18.27 8.13 1.88
N PHE A 29 19.03 7.15 2.36
CA PHE A 29 19.73 6.21 1.51
C PHE A 29 19.06 4.83 1.52
N ALA A 30 19.37 4.04 0.50
CA ALA A 30 18.85 2.69 0.39
C ALA A 30 19.58 1.73 1.35
N SER A 31 19.01 0.55 1.51
CA SER A 31 19.69 -0.52 2.20
C SER A 31 20.54 -1.31 1.20
N VAL A 32 21.61 -1.92 1.71
CA VAL A 32 22.56 -2.63 0.86
C VAL A 32 21.84 -3.65 -0.01
N TYR A 33 21.04 -4.51 0.61
CA TYR A 33 20.43 -5.60 -0.15
C TYR A 33 19.57 -5.06 -1.26
N ALA A 34 18.97 -3.89 -1.06
CA ALA A 34 18.19 -3.24 -2.10
C ALA A 34 18.88 -1.94 -2.49
N TRP A 35 20.16 -2.06 -2.86
CA TRP A 35 20.98 -0.90 -3.15
C TRP A 35 20.39 -0.09 -4.32
N ASN A 36 20.47 1.23 -4.22
CA ASN A 36 19.95 2.09 -5.27
C ASN A 36 20.96 2.23 -6.40
N ARG A 37 20.47 2.23 -7.64
CA ARG A 37 21.29 2.55 -8.81
C ARG A 37 20.68 3.71 -9.56
N LYS A 38 21.52 4.69 -9.90
CA LYS A 38 21.14 5.87 -10.67
C LYS A 38 21.92 5.84 -11.98
N ARG A 39 21.20 5.86 -13.10
CA ARG A 39 21.83 5.94 -14.41
C ARG A 39 22.09 7.40 -14.75
N ILE A 40 23.30 7.70 -15.21
CA ILE A 40 23.63 9.06 -15.57
C ILE A 40 24.13 9.06 -17.01
N SER A 41 23.47 9.87 -17.84
CA SER A 41 23.48 9.80 -19.28
C SER A 41 23.16 11.19 -19.84
N ASN A 42 23.71 11.48 -21.01
CA ASN A 42 23.32 12.66 -21.78
C ASN A 42 23.51 13.95 -20.97
N CYS A 43 24.68 14.09 -20.34
CA CYS A 43 24.99 15.31 -19.60
C CYS A 43 26.49 15.46 -19.47
N VAL A 44 26.91 16.67 -19.07
CA VAL A 44 28.30 16.98 -18.78
C VAL A 44 28.51 16.84 -17.27
N ALA A 45 29.51 16.07 -16.89
CA ALA A 45 29.74 15.72 -15.48
C ALA A 45 30.94 16.48 -14.95
N ASP A 46 30.71 17.37 -14.00
CA ASP A 46 31.80 18.10 -13.36
C ASP A 46 32.27 17.19 -12.24
N TYR A 47 33.38 16.50 -12.48
CA TYR A 47 33.86 15.56 -11.48
C TYR A 47 34.67 16.24 -10.40
N SER A 48 34.91 17.54 -10.53
CA SER A 48 35.64 18.26 -9.49
C SER A 48 34.79 18.44 -8.24
N VAL A 49 33.46 18.49 -8.40
CA VAL A 49 32.59 18.68 -7.25
C VAL A 49 32.78 17.56 -6.23
N LEU A 50 32.81 16.32 -6.70
CA LEU A 50 32.96 15.20 -5.79
C LEU A 50 34.40 15.09 -5.30
N TYR A 51 35.37 15.15 -6.20
CA TYR A 51 36.71 14.71 -5.84
C TYR A 51 37.58 15.79 -5.20
N ASN A 52 37.28 17.05 -5.45
CA ASN A 52 37.94 18.17 -4.75
C ASN A 52 37.16 18.58 -3.50
N SER A 53 36.72 17.59 -2.72
CA SER A 53 35.93 17.81 -1.52
C SER A 53 36.64 17.16 -0.34
N ALA A 54 36.46 17.74 0.85
CA ALA A 54 37.03 17.18 2.06
C ALA A 54 36.02 16.35 2.87
N SER A 55 34.80 16.18 2.36
CA SER A 55 33.79 15.40 3.06
C SER A 55 34.25 13.97 3.34
N PHE A 56 34.67 13.27 2.29
CA PHE A 56 34.70 11.81 2.27
C PHE A 56 35.77 11.21 3.17
N SER A 57 35.39 10.12 3.84
CA SER A 57 36.26 9.32 4.68
C SER A 57 36.94 8.18 3.95
N THR A 58 36.42 7.79 2.79
CA THR A 58 37.01 6.75 1.96
C THR A 58 36.85 7.20 0.52
N PHE A 59 37.94 7.12 -0.25
CA PHE A 59 37.87 7.51 -1.65
C PHE A 59 38.97 6.72 -2.37
N LYS A 60 38.57 5.57 -2.92
CA LYS A 60 39.52 4.68 -3.58
C LYS A 60 38.94 4.31 -4.94
N CYS A 61 39.58 4.78 -6.01
CA CYS A 61 39.21 4.41 -7.36
C CYS A 61 40.06 3.23 -7.81
N TYR A 62 39.55 2.46 -8.76
CA TYR A 62 40.21 1.24 -9.20
C TYR A 62 40.52 1.22 -10.68
N GLY A 63 39.62 1.74 -11.51
CA GLY A 63 39.90 1.76 -12.93
C GLY A 63 40.91 2.81 -13.31
N VAL A 64 40.50 4.09 -13.21
CA VAL A 64 41.34 5.21 -13.57
C VAL A 64 41.37 6.18 -12.39
N SER A 65 42.36 7.09 -12.41
CA SER A 65 42.53 8.03 -11.31
C SER A 65 41.48 9.14 -11.37
N PRO A 66 40.95 9.56 -10.22
CA PRO A 66 39.91 10.61 -10.21
C PRO A 66 40.38 11.95 -10.74
N THR A 67 41.62 12.36 -10.44
CA THR A 67 42.14 13.61 -11.01
C THR A 67 41.91 13.63 -12.51
N LYS A 68 42.26 12.54 -13.20
CA LYS A 68 42.14 12.48 -14.65
C LYS A 68 40.73 12.17 -15.10
N LEU A 69 39.78 12.01 -14.17
CA LEU A 69 38.39 11.72 -14.55
C LEU A 69 37.89 12.65 -15.64
N ASN A 70 38.20 13.95 -15.55
CA ASN A 70 37.62 14.91 -16.48
C ASN A 70 38.08 14.66 -17.92
N ASP A 71 39.27 14.06 -18.11
CA ASP A 71 39.82 13.79 -19.43
C ASP A 71 39.32 12.49 -20.06
N LEU A 72 38.67 11.62 -19.29
CA LEU A 72 38.09 10.39 -19.81
C LEU A 72 36.64 10.66 -20.23
N CYS A 73 36.00 9.68 -20.88
CA CYS A 73 34.62 9.78 -21.38
C CYS A 73 33.94 8.40 -21.49
N PHE A 74 32.63 8.35 -21.18
CA PHE A 74 31.95 7.06 -21.00
C PHE A 74 30.56 7.01 -21.63
N THR A 75 30.07 5.77 -21.81
CA THR A 75 28.71 5.51 -22.31
C THR A 75 27.67 6.00 -21.33
N ASN A 76 27.78 5.51 -20.10
CA ASN A 76 26.90 5.77 -18.98
C ASN A 76 27.78 5.78 -17.77
N VAL A 77 27.30 6.37 -16.70
CA VAL A 77 27.92 6.14 -15.42
C VAL A 77 26.83 5.74 -14.46
N TYR A 78 27.13 4.79 -13.61
CA TYR A 78 26.15 4.26 -12.68
C TYR A 78 26.59 4.65 -11.28
N ALA A 79 25.72 5.35 -10.56
CA ALA A 79 25.96 5.67 -9.16
C ALA A 79 25.09 4.74 -8.31
N ASP A 80 25.72 3.78 -7.67
CA ASP A 80 25.04 2.92 -6.72
C ASP A 80 25.22 3.50 -5.32
N SER A 81 24.18 3.44 -4.51
CA SER A 81 24.24 4.05 -3.19
C SER A 81 23.56 3.15 -2.17
N PHE A 82 24.10 3.15 -0.95
CA PHE A 82 23.60 2.32 0.13
C PHE A 82 24.33 2.67 1.41
N VAL A 83 23.88 2.07 2.52
CA VAL A 83 24.45 2.30 3.84
C VAL A 83 24.90 0.98 4.45
N ILE A 84 26.10 0.94 5.02
CA ILE A 84 26.61 -0.25 5.69
C ILE A 84 27.31 0.16 6.97
N ARG A 85 27.82 -0.83 7.71
CA ARG A 85 28.67 -0.53 8.86
C ARG A 85 30.04 -0.07 8.38
N GLY A 86 30.72 0.72 9.23
CA GLY A 86 32.11 1.05 8.95
C GLY A 86 32.98 -0.17 8.72
N ASP A 87 32.81 -1.20 9.57
CA ASP A 87 33.61 -2.42 9.47
C ASP A 87 33.54 -3.02 8.08
N GLU A 88 32.41 -2.85 7.40
CA GLU A 88 32.18 -3.56 6.15
C GLU A 88 32.49 -2.72 4.92
N VAL A 89 32.93 -1.46 5.09
CA VAL A 89 33.30 -0.70 3.89
C VAL A 89 34.44 -1.38 3.14
N ARG A 90 35.32 -2.11 3.86
CA ARG A 90 36.38 -2.87 3.22
C ARG A 90 35.84 -3.85 2.20
N GLN A 91 34.64 -4.38 2.40
CA GLN A 91 34.10 -5.39 1.50
C GLN A 91 33.65 -4.80 0.17
N ILE A 92 33.52 -3.48 0.08
CA ILE A 92 33.15 -2.80 -1.16
C ILE A 92 34.39 -2.57 -2.00
N ALA A 93 34.86 -3.64 -2.64
CA ALA A 93 36.09 -3.61 -3.44
C ALA A 93 36.13 -4.90 -4.26
N PRO A 94 36.87 -4.90 -5.36
CA PRO A 94 36.96 -6.11 -6.20
C PRO A 94 37.58 -7.27 -5.46
N GLY A 95 37.04 -8.47 -5.71
CA GLY A 95 37.57 -9.69 -5.14
C GLY A 95 37.46 -9.81 -3.63
N GLN A 96 36.50 -9.14 -3.01
CA GLN A 96 36.30 -9.28 -1.58
C GLN A 96 35.29 -10.39 -1.29
N THR A 97 35.30 -10.87 -0.06
CA THR A 97 34.30 -11.82 0.41
C THR A 97 33.81 -11.41 1.79
N GLY A 98 32.67 -11.95 2.16
CA GLY A 98 32.03 -11.59 3.41
C GLY A 98 30.53 -11.45 3.21
N LYS A 99 29.81 -11.13 4.28
CA LYS A 99 28.36 -11.03 4.21
C LYS A 99 27.92 -9.99 3.17
N ILE A 100 28.49 -8.78 3.22
CA ILE A 100 28.05 -7.71 2.33
C ILE A 100 28.46 -8.01 0.88
N ALA A 101 29.69 -8.47 0.69
CA ALA A 101 30.18 -8.68 -0.67
C ALA A 101 29.50 -9.88 -1.32
N ASP A 102 29.22 -10.91 -0.54
CA ASP A 102 28.68 -12.14 -1.11
C ASP A 102 27.15 -12.08 -1.26
N TYR A 103 26.45 -11.43 -0.32
CA TYR A 103 25.00 -11.55 -0.25
C TYR A 103 24.24 -10.27 -0.58
N ASN A 104 24.92 -9.12 -0.61
CA ASN A 104 24.23 -7.84 -0.72
C ASN A 104 24.67 -7.08 -1.96
N TYR A 105 25.97 -6.80 -2.09
CA TYR A 105 26.50 -5.96 -3.16
C TYR A 105 27.89 -6.46 -3.51
N LYS A 106 28.06 -6.97 -4.73
CA LYS A 106 29.32 -7.56 -5.17
C LYS A 106 29.90 -6.76 -6.33
N LEU A 107 31.15 -6.32 -6.18
CA LEU A 107 31.75 -5.70 -7.35
C LEU A 107 32.56 -6.75 -8.12
N PRO A 108 32.64 -6.57 -9.45
CA PRO A 108 33.45 -7.48 -10.27
C PRO A 108 34.94 -7.17 -10.18
N ASP A 109 35.73 -8.20 -10.50
CA ASP A 109 37.18 -8.11 -10.44
C ASP A 109 37.76 -7.14 -11.46
N ASP A 110 37.05 -6.90 -12.57
CA ASP A 110 37.47 -5.89 -13.53
C ASP A 110 36.73 -4.59 -13.30
N PHE A 111 36.58 -4.19 -12.04
CA PHE A 111 35.80 -3.01 -11.73
C PHE A 111 36.54 -1.76 -12.17
N THR A 112 35.84 -0.88 -12.87
CA THR A 112 36.44 0.36 -13.34
C THR A 112 35.57 1.47 -12.77
N GLY A 113 35.90 1.90 -11.56
CA GLY A 113 35.12 2.96 -10.97
C GLY A 113 35.72 3.42 -9.67
N CYS A 114 34.91 4.15 -8.91
CA CYS A 114 35.35 4.71 -7.65
C CYS A 114 34.42 4.29 -6.53
N VAL A 115 34.99 4.04 -5.36
CA VAL A 115 34.22 3.78 -4.16
C VAL A 115 34.44 4.95 -3.23
N ILE A 116 33.34 5.64 -2.89
CA ILE A 116 33.35 6.78 -2.01
C ILE A 116 32.46 6.45 -0.82
N ALA A 117 33.00 6.64 0.38
CA ALA A 117 32.24 6.33 1.59
C ALA A 117 32.46 7.42 2.62
N TRP A 118 31.43 7.69 3.42
CA TRP A 118 31.56 8.69 4.47
C TRP A 118 30.67 8.37 5.67
N ASN A 119 31.13 8.81 6.84
CA ASN A 119 30.46 8.48 8.10
C ASN A 119 29.22 9.33 8.27
N SER A 120 28.10 8.69 8.59
CA SER A 120 26.81 9.37 8.65
C SER A 120 26.11 9.08 9.96
N ASN A 121 26.88 9.00 11.05
CA ASN A 121 26.30 8.73 12.37
C ASN A 121 25.28 9.80 12.74
N ASN A 122 25.56 11.06 12.39
CA ASN A 122 24.66 12.15 12.73
C ASN A 122 23.32 12.06 12.01
N LEU A 123 23.26 11.38 10.87
CA LEU A 123 22.05 11.27 10.06
C LEU A 123 21.30 9.97 10.29
N ASP A 124 22.01 8.85 10.35
CA ASP A 124 21.41 7.52 10.24
C ASP A 124 21.34 6.75 11.56
N SER A 125 21.71 7.35 12.69
CA SER A 125 21.60 6.71 13.99
C SER A 125 20.49 7.39 14.79
N LYS A 126 19.73 6.59 15.53
CA LYS A 126 18.71 7.12 16.43
C LYS A 126 18.82 6.41 17.78
N VAL A 127 18.47 7.12 18.86
CA VAL A 127 18.60 6.54 20.19
C VAL A 127 17.72 5.31 20.37
N GLY A 128 16.50 5.31 19.78
CA GLY A 128 15.68 4.13 19.86
C GLY A 128 16.10 3.02 18.92
N GLY A 129 17.17 3.23 18.16
CA GLY A 129 17.58 2.31 17.10
C GLY A 129 17.00 2.73 15.76
N ASN A 130 17.83 2.70 14.72
CA ASN A 130 17.37 3.02 13.38
C ASN A 130 17.33 1.72 12.62
N TYR A 131 16.13 1.21 12.40
CA TYR A 131 15.94 -0.07 11.75
C TYR A 131 15.57 0.08 10.28
N ASN A 132 15.72 1.27 9.71
CA ASN A 132 15.39 1.49 8.32
C ASN A 132 16.44 0.99 7.34
N TYR A 133 17.58 0.51 7.83
CA TYR A 133 18.66 -0.01 6.98
C TYR A 133 18.85 -1.49 7.25
N LEU A 134 18.61 -2.31 6.22
CA LEU A 134 18.68 -3.76 6.35
C LEU A 134 19.80 -4.33 5.50
N TYR A 135 20.01 -5.63 5.69
CA TYR A 135 21.03 -6.34 4.93
C TYR A 135 20.62 -7.81 4.88
N ARG A 136 21.17 -8.52 3.91
CA ARG A 136 20.88 -9.95 3.77
C ARG A 136 22.02 -10.73 4.42
N LEU A 137 21.68 -11.64 5.32
CA LEU A 137 22.71 -12.44 5.96
C LEU A 137 22.71 -13.90 5.52
N PHE A 138 21.68 -14.37 4.83
CA PHE A 138 21.58 -15.75 4.39
C PHE A 138 21.32 -15.80 2.90
N ARG A 139 22.02 -16.66 2.18
CA ARG A 139 21.69 -16.87 0.78
C ARG A 139 22.30 -18.18 0.30
N LYS A 140 21.57 -18.88 -0.58
CA LYS A 140 21.97 -20.21 -1.03
C LYS A 140 23.23 -20.19 -1.90
N SER A 141 23.54 -19.06 -2.53
CA SER A 141 24.72 -18.96 -3.38
C SER A 141 25.20 -17.52 -3.34
N ASN A 142 26.43 -17.30 -3.79
CA ASN A 142 26.99 -15.94 -3.77
C ASN A 142 26.40 -15.12 -4.92
N LEU A 143 26.29 -13.81 -4.71
CA LEU A 143 25.76 -12.97 -5.76
C LEU A 143 26.74 -12.88 -6.91
N LYS A 144 26.21 -12.73 -8.11
CA LYS A 144 27.01 -12.36 -9.25
C LYS A 144 27.21 -10.84 -9.21
N PRO A 145 28.28 -10.33 -9.81
CA PRO A 145 28.56 -8.89 -9.70
C PRO A 145 27.39 -8.04 -10.21
N PHE A 146 27.02 -7.05 -9.41
CA PHE A 146 25.91 -6.13 -9.70
C PHE A 146 24.56 -6.82 -9.77
N GLU A 147 24.41 -7.95 -9.10
CA GLU A 147 23.09 -8.53 -8.91
C GLU A 147 22.40 -7.85 -7.72
N ARG A 148 21.09 -7.68 -7.82
CA ARG A 148 20.30 -7.17 -6.70
C ARG A 148 19.28 -8.23 -6.33
N ASP A 149 19.31 -8.65 -5.07
CA ASP A 149 18.37 -9.62 -4.53
C ASP A 149 17.46 -8.91 -3.53
N ILE A 150 16.16 -8.86 -3.84
CA ILE A 150 15.18 -8.21 -2.99
C ILE A 150 14.18 -9.23 -2.44
N SER A 151 14.48 -10.50 -2.58
CA SER A 151 13.59 -11.54 -2.10
C SER A 151 13.59 -11.59 -0.57
N THR A 152 12.42 -11.86 0.01
CA THR A 152 12.29 -12.15 1.43
C THR A 152 11.86 -13.60 1.68
N GLU A 153 12.26 -14.50 0.79
CA GLU A 153 11.91 -15.90 0.94
C GLU A 153 12.61 -16.49 2.16
N ILE A 154 11.87 -17.25 2.96
CA ILE A 154 12.47 -17.84 4.15
C ILE A 154 13.62 -18.73 3.75
N TYR A 155 14.76 -18.55 4.42
CA TYR A 155 15.98 -19.29 4.12
C TYR A 155 15.97 -20.67 4.76
N GLN A 156 16.19 -21.71 3.96
CA GLN A 156 16.24 -23.07 4.49
C GLN A 156 17.69 -23.37 4.85
N ALA A 157 17.96 -23.51 6.15
CA ALA A 157 19.32 -23.69 6.64
C ALA A 157 19.65 -25.13 6.98
N GLY A 158 18.66 -26.01 7.01
CA GLY A 158 18.89 -27.41 7.30
C GLY A 158 18.27 -28.27 6.23
N SER A 159 17.99 -29.52 6.58
CA SER A 159 17.25 -30.41 5.68
C SER A 159 15.75 -30.22 5.84
N THR A 160 15.30 -29.68 6.97
CA THR A 160 13.89 -29.40 7.20
C THR A 160 13.45 -28.24 6.30
N PRO A 161 12.38 -28.41 5.53
CA PRO A 161 11.93 -27.34 4.62
C PRO A 161 11.06 -26.30 5.31
N CYS A 162 11.08 -25.09 4.74
CA CYS A 162 10.29 -23.95 5.19
C CYS A 162 9.21 -23.66 4.16
N ASN A 163 7.96 -23.97 4.48
CA ASN A 163 6.91 -23.64 3.53
C ASN A 163 6.34 -22.27 3.85
N GLY A 164 7.24 -21.29 3.76
CA GLY A 164 6.93 -19.92 4.07
C GLY A 164 6.73 -19.62 5.54
N VAL A 165 7.16 -20.51 6.44
CA VAL A 165 6.96 -20.35 7.88
C VAL A 165 8.32 -20.27 8.57
N GLU A 166 8.47 -19.34 9.50
CA GLU A 166 9.72 -19.18 10.22
C GLU A 166 9.75 -20.01 11.49
N GLY A 167 10.91 -20.60 11.76
CA GLY A 167 11.12 -21.42 12.94
C GLY A 167 12.58 -21.76 13.10
N PHE A 168 12.87 -22.93 13.68
CA PHE A 168 14.25 -23.39 13.82
C PHE A 168 14.77 -23.85 12.47
N ASN A 169 15.94 -23.36 12.09
CA ASN A 169 16.60 -23.68 10.83
C ASN A 169 15.86 -23.10 9.64
N CYS A 170 14.86 -22.25 9.86
CA CYS A 170 14.18 -21.54 8.80
C CYS A 170 14.11 -20.08 9.23
N TYR A 171 14.88 -19.22 8.58
CA TYR A 171 15.14 -17.87 9.04
C TYR A 171 14.67 -16.87 8.00
N PHE A 172 14.18 -15.74 8.49
CA PHE A 172 13.92 -14.61 7.63
C PHE A 172 15.26 -14.11 7.12
N PRO A 173 15.42 -13.89 5.82
CA PRO A 173 16.76 -13.68 5.26
C PRO A 173 17.35 -12.31 5.52
N LEU A 174 16.58 -11.38 6.06
CA LEU A 174 17.02 -10.00 6.22
C LEU A 174 17.14 -9.64 7.69
N GLN A 175 18.05 -8.70 7.97
CA GLN A 175 18.32 -8.27 9.33
C GLN A 175 18.49 -6.75 9.36
N SER A 176 18.15 -6.15 10.49
CA SER A 176 18.28 -4.71 10.68
C SER A 176 19.59 -4.37 11.37
N TYR A 177 20.17 -3.24 10.99
CA TYR A 177 21.38 -2.76 11.65
C TYR A 177 21.07 -2.18 13.03
N GLY A 178 19.92 -1.54 13.17
CA GLY A 178 19.57 -0.91 14.43
C GLY A 178 20.56 0.13 14.88
N PHE A 179 21.07 0.94 13.95
CA PHE A 179 22.10 1.91 14.25
C PHE A 179 21.73 2.81 15.41
N GLN A 180 22.61 2.85 16.41
CA GLN A 180 22.46 3.74 17.55
C GLN A 180 23.62 4.70 17.62
N PRO A 181 23.42 5.87 18.23
CA PRO A 181 24.50 6.87 18.22
C PRO A 181 25.67 6.45 19.09
N THR A 182 25.44 5.57 20.07
CA THR A 182 26.45 5.16 21.03
C THR A 182 27.44 4.16 20.46
N ASN A 183 27.22 3.69 19.23
CA ASN A 183 28.02 2.60 18.69
C ASN A 183 29.47 3.04 18.44
N GLY A 184 30.35 2.03 18.37
CA GLY A 184 31.72 2.28 17.95
C GLY A 184 31.81 2.59 16.47
N VAL A 185 32.86 3.33 16.09
CA VAL A 185 33.03 3.78 14.71
C VAL A 185 32.89 2.64 13.69
N GLY A 186 33.41 1.47 14.03
CA GLY A 186 33.28 0.32 13.16
C GLY A 186 31.85 -0.14 13.02
N TYR A 187 31.01 0.16 14.01
CA TYR A 187 29.60 -0.21 14.00
C TYR A 187 28.69 0.95 13.60
N GLN A 188 29.27 2.10 13.25
CA GLN A 188 28.49 3.26 12.88
C GLN A 188 28.11 3.22 11.39
N PRO A 189 27.00 3.84 11.04
CA PRO A 189 26.56 3.82 9.64
C PRO A 189 27.48 4.65 8.76
N TYR A 190 27.78 4.11 7.58
CA TYR A 190 28.51 4.81 6.53
C TYR A 190 27.69 4.79 5.25
N ARG A 191 27.56 5.97 4.64
CA ARG A 191 26.93 6.11 3.31
C ARG A 191 27.98 5.91 2.23
N VAL A 192 27.69 4.98 1.33
CA VAL A 192 28.60 4.57 0.28
C VAL A 192 27.95 4.86 -1.06
N VAL A 193 28.70 5.51 -1.93
CA VAL A 193 28.35 5.67 -3.34
C VAL A 193 29.47 5.02 -4.14
N VAL A 194 29.08 4.23 -5.12
CA VAL A 194 30.01 3.51 -5.98
C VAL A 194 29.73 3.97 -7.39
N LEU A 195 30.76 4.47 -8.04
CA LEU A 195 30.64 5.00 -9.39
C LEU A 195 31.19 3.96 -10.34
N SER A 196 30.41 3.64 -11.37
CA SER A 196 30.76 2.62 -12.35
C SER A 196 30.81 3.28 -13.72
N PHE A 197 31.94 3.12 -14.40
CA PHE A 197 32.13 3.72 -15.71
C PHE A 197 32.22 2.59 -16.73
N GLU A 198 31.18 2.45 -17.52
CA GLU A 198 31.10 1.44 -18.56
C GLU A 198 31.28 2.15 -19.90
N LEU A 199 32.13 1.61 -20.77
CA LEU A 199 32.30 2.12 -22.11
C LEU A 199 32.02 0.90 -22.96
N LEU A 200 30.75 0.77 -23.39
CA LEU A 200 30.23 -0.39 -24.08
C LEU A 200 30.25 -0.19 -25.59
N HIS A 201 29.41 -0.93 -26.32
CA HIS A 201 29.41 -0.85 -27.77
C HIS A 201 28.74 0.42 -28.28
N ALA A 202 28.11 1.20 -27.42
CA ALA A 202 27.38 2.38 -27.84
C ALA A 202 28.24 3.63 -27.69
N PRO A 203 27.78 4.78 -28.20
CA PRO A 203 28.57 6.02 -28.10
C PRO A 203 28.70 6.52 -26.67
N ALA A 204 29.63 7.46 -26.49
CA ALA A 204 29.78 8.15 -25.21
C ALA A 204 28.67 9.21 -25.08
N THR A 205 27.86 9.09 -24.03
CA THR A 205 26.75 10.01 -23.79
C THR A 205 26.92 10.84 -22.52
N VAL A 206 27.97 10.58 -21.74
CA VAL A 206 28.32 11.36 -20.57
C VAL A 206 29.80 11.68 -20.69
N CYS A 207 30.15 12.95 -20.44
CA CYS A 207 31.55 13.37 -20.53
C CYS A 207 31.84 14.59 -19.65
N GLY A 208 33.13 14.90 -19.57
CA GLY A 208 33.61 15.93 -18.67
C GLY A 208 33.52 17.26 -19.34
N PRO A 209 34.03 18.30 -18.67
CA PRO A 209 33.94 19.59 -19.34
C PRO A 209 35.10 19.83 -20.31
N ASN B 16 -7.93 34.49 8.11
CA ASN B 16 -8.01 34.34 6.67
C ASN B 16 -9.41 33.89 6.24
N LEU B 17 -9.57 33.62 4.94
CA LEU B 17 -10.84 33.16 4.40
C LEU B 17 -11.01 31.66 4.58
N CYS B 18 -12.27 31.23 4.59
CA CYS B 18 -12.56 29.82 4.82
C CYS B 18 -12.28 29.05 3.54
N PRO B 19 -11.50 27.96 3.60
CA PRO B 19 -10.99 27.35 2.36
C PRO B 19 -12.08 26.60 1.59
N PHE B 20 -13.04 27.36 1.05
CA PHE B 20 -14.10 26.74 0.27
C PHE B 20 -13.55 26.16 -1.02
N GLY B 21 -12.54 26.79 -1.60
CA GLY B 21 -11.98 26.29 -2.85
C GLY B 21 -11.51 24.86 -2.75
N GLU B 22 -10.90 24.48 -1.62
CA GLU B 22 -10.41 23.12 -1.47
C GLU B 22 -11.54 22.10 -1.58
N VAL B 23 -12.75 22.46 -1.16
CA VAL B 23 -13.88 21.55 -1.28
C VAL B 23 -14.46 21.59 -2.68
N PHE B 24 -14.84 22.78 -3.14
CA PHE B 24 -15.59 22.89 -4.38
C PHE B 24 -14.72 22.66 -5.62
N ASN B 25 -13.48 23.10 -5.56
CA ASN B 25 -12.59 23.08 -6.71
C ASN B 25 -11.67 21.86 -6.74
N ALA B 26 -11.98 20.84 -5.95
CA ALA B 26 -11.13 19.65 -5.88
C ALA B 26 -11.10 18.91 -7.22
N THR B 27 -9.90 18.44 -7.59
CA THR B 27 -9.74 17.70 -8.84
C THR B 27 -10.57 16.42 -8.83
N ARG B 28 -10.56 15.70 -7.71
CA ARG B 28 -11.31 14.45 -7.61
C ARG B 28 -12.15 14.45 -6.34
N PHE B 29 -13.37 13.93 -6.45
CA PHE B 29 -14.30 13.85 -5.33
C PHE B 29 -14.35 12.44 -4.77
N ALA B 30 -14.92 12.34 -3.57
CA ALA B 30 -15.14 11.09 -2.84
C ALA B 30 -16.31 10.30 -3.42
N SER B 31 -16.43 9.05 -2.99
CA SER B 31 -17.62 8.28 -3.31
C SER B 31 -18.66 8.46 -2.23
N VAL B 32 -19.93 8.35 -2.60
CA VAL B 32 -20.99 8.57 -1.61
C VAL B 32 -20.82 7.64 -0.44
N TYR B 33 -20.61 6.35 -0.70
CA TYR B 33 -20.56 5.41 0.41
C TYR B 33 -19.45 5.81 1.39
N ALA B 34 -18.37 6.40 0.89
CA ALA B 34 -17.27 6.89 1.69
C ALA B 34 -17.14 8.41 1.56
N TRP B 35 -18.24 9.12 1.74
CA TRP B 35 -18.31 10.56 1.51
C TRP B 35 -17.34 11.33 2.40
N ASN B 36 -16.76 12.39 1.83
CA ASN B 36 -15.81 13.22 2.56
C ASN B 36 -16.50 14.27 3.44
N ARG B 37 -15.94 14.53 4.62
CA ARG B 37 -16.36 15.66 5.44
C ARG B 37 -15.17 16.52 5.77
N LYS B 38 -15.33 17.83 5.63
CA LYS B 38 -14.33 18.81 6.04
C LYS B 38 -14.93 19.72 7.09
N ARG B 39 -14.26 19.87 8.24
CA ARG B 39 -14.67 20.90 9.20
C ARG B 39 -13.97 22.21 8.85
N ILE B 40 -14.71 23.30 8.96
CA ILE B 40 -14.25 24.65 8.67
C ILE B 40 -14.44 25.50 9.91
N SER B 41 -13.34 26.08 10.38
CA SER B 41 -13.17 26.71 11.70
C SER B 41 -12.03 27.71 11.60
N ASN B 42 -12.11 28.78 12.41
CA ASN B 42 -11.04 29.79 12.51
C ASN B 42 -10.85 30.52 11.20
N CYS B 43 -11.94 30.97 10.60
CA CYS B 43 -11.83 31.69 9.33
C CYS B 43 -13.07 32.54 9.09
N VAL B 44 -12.94 33.42 8.08
CA VAL B 44 -14.05 34.22 7.56
C VAL B 44 -14.60 33.52 6.32
N ALA B 45 -15.91 33.32 6.28
CA ALA B 45 -16.54 32.54 5.22
C ALA B 45 -17.30 33.45 4.27
N ASP B 46 -16.78 33.63 3.06
CA ASP B 46 -17.45 34.38 2.01
C ASP B 46 -18.21 33.41 1.12
N TYR B 47 -19.52 33.32 1.32
CA TYR B 47 -20.35 32.43 0.51
C TYR B 47 -20.76 33.06 -0.80
N SER B 48 -20.34 34.30 -1.08
CA SER B 48 -20.72 34.93 -2.33
C SER B 48 -20.12 34.20 -3.50
N VAL B 49 -18.97 33.56 -3.29
CA VAL B 49 -18.32 32.78 -4.34
C VAL B 49 -19.29 31.73 -4.86
N LEU B 50 -20.12 31.18 -3.98
CA LEU B 50 -21.06 30.16 -4.41
C LEU B 50 -22.17 30.79 -5.26
N TYR B 51 -22.79 31.86 -4.79
CA TYR B 51 -24.00 32.36 -5.44
C TYR B 51 -23.73 33.48 -6.44
N ASN B 52 -22.47 33.82 -6.69
CA ASN B 52 -22.15 34.61 -7.87
C ASN B 52 -21.84 33.72 -9.07
N SER B 53 -22.30 32.47 -9.05
CA SER B 53 -22.06 31.51 -10.13
C SER B 53 -23.35 30.86 -10.54
N ALA B 54 -23.46 30.55 -11.83
CA ALA B 54 -24.56 29.80 -12.38
C ALA B 54 -24.19 28.34 -12.57
N SER B 55 -22.99 27.95 -12.10
CA SER B 55 -22.52 26.58 -12.23
C SER B 55 -23.57 25.60 -11.75
N PHE B 56 -24.07 25.82 -10.53
CA PHE B 56 -24.84 24.81 -9.83
C PHE B 56 -26.21 24.59 -10.47
N SER B 57 -26.60 23.32 -10.57
CA SER B 57 -27.94 22.96 -10.98
C SER B 57 -28.87 22.83 -9.79
N THR B 58 -28.30 22.69 -8.59
CA THR B 58 -29.10 22.60 -7.38
C THR B 58 -28.44 23.42 -6.31
N PHE B 59 -29.23 24.23 -5.62
CA PHE B 59 -28.75 25.06 -4.52
C PHE B 59 -29.99 25.26 -3.64
N LYS B 60 -30.15 24.37 -2.67
CA LYS B 60 -31.34 24.37 -1.82
C LYS B 60 -30.89 24.37 -0.37
N CYS B 61 -31.16 25.46 0.32
CA CYS B 61 -30.88 25.57 1.74
C CYS B 61 -32.13 25.25 2.55
N TYR B 62 -31.91 24.82 3.79
CA TYR B 62 -33.01 24.41 4.66
C TYR B 62 -33.11 25.23 5.93
N GLY B 63 -31.98 25.69 6.46
CA GLY B 63 -32.02 26.56 7.62
C GLY B 63 -32.34 28.00 7.30
N VAL B 64 -31.39 28.71 6.68
CA VAL B 64 -31.50 30.12 6.37
C VAL B 64 -31.20 30.34 4.89
N SER B 65 -31.53 31.52 4.40
CA SER B 65 -31.27 31.84 3.00
C SER B 65 -29.76 31.96 2.76
N PRO B 66 -29.26 31.47 1.62
CA PRO B 66 -27.80 31.51 1.39
C PRO B 66 -27.25 32.92 1.45
N THR B 67 -28.02 33.84 0.89
CA THR B 67 -27.74 35.27 0.90
C THR B 67 -27.27 35.77 2.26
N LYS B 68 -27.97 35.36 3.33
CA LYS B 68 -27.75 35.86 4.69
C LYS B 68 -26.61 35.19 5.44
N LEU B 69 -25.93 34.22 4.81
CA LEU B 69 -24.83 33.54 5.48
C LEU B 69 -23.84 34.52 6.11
N ASN B 70 -23.56 35.63 5.42
CA ASN B 70 -22.46 36.52 5.77
C ASN B 70 -22.68 37.24 7.12
N ASP B 71 -23.93 37.47 7.52
CA ASP B 71 -24.19 38.10 8.81
C ASP B 71 -24.29 37.09 9.96
N LEU B 72 -24.27 35.78 9.65
CA LEU B 72 -24.37 34.73 10.66
C LEU B 72 -22.97 34.28 11.12
N CYS B 73 -22.94 33.49 12.20
CA CYS B 73 -21.67 33.05 12.79
C CYS B 73 -21.88 31.76 13.56
N PHE B 74 -21.01 30.77 13.35
CA PHE B 74 -21.22 29.45 13.93
C PHE B 74 -19.93 28.93 14.56
N THR B 75 -20.09 27.89 15.38
CA THR B 75 -18.92 27.23 15.96
C THR B 75 -18.09 26.55 14.89
N ASN B 76 -18.73 25.78 14.00
CA ASN B 76 -18.02 25.08 12.95
C ASN B 76 -18.94 24.98 11.74
N VAL B 77 -18.37 24.67 10.58
CA VAL B 77 -19.18 24.31 9.41
C VAL B 77 -18.63 23.02 8.82
N TYR B 78 -19.52 22.15 8.35
CA TYR B 78 -19.12 20.87 7.78
C TYR B 78 -19.52 20.85 6.32
N ALA B 79 -18.54 20.63 5.45
CA ALA B 79 -18.77 20.45 4.02
C ALA B 79 -18.59 18.97 3.69
N ASP B 80 -19.70 18.29 3.41
CA ASP B 80 -19.69 16.93 2.93
C ASP B 80 -19.67 16.95 1.41
N SER B 81 -18.88 16.06 0.82
CA SER B 81 -18.72 16.08 -0.62
C SER B 81 -18.72 14.64 -1.11
N PHE B 82 -19.27 14.46 -2.31
CA PHE B 82 -19.35 13.16 -2.96
C PHE B 82 -19.92 13.32 -4.38
N VAL B 83 -19.97 12.21 -5.12
CA VAL B 83 -20.49 12.19 -6.49
C VAL B 83 -21.63 11.16 -6.60
N ILE B 84 -22.73 11.54 -7.28
CA ILE B 84 -23.87 10.64 -7.52
C ILE B 84 -24.41 10.82 -8.94
N ARG B 85 -25.45 10.05 -9.26
CA ARG B 85 -26.20 10.26 -10.49
C ARG B 85 -27.05 11.53 -10.39
N GLY B 86 -27.33 12.17 -11.52
CA GLY B 86 -28.33 13.24 -11.53
C GLY B 86 -29.66 12.77 -10.96
N ASP B 87 -30.08 11.55 -11.33
CA ASP B 87 -31.35 10.98 -10.86
C ASP B 87 -31.47 11.01 -9.34
N GLU B 88 -30.34 10.91 -8.64
CA GLU B 88 -30.38 10.75 -7.19
C GLU B 88 -30.12 12.04 -6.42
N VAL B 89 -29.88 13.18 -7.09
CA VAL B 89 -29.66 14.38 -6.29
C VAL B 89 -30.87 14.70 -5.43
N ARG B 90 -32.07 14.33 -5.88
CA ARG B 90 -33.27 14.54 -5.08
C ARG B 90 -33.20 13.85 -3.72
N GLN B 91 -32.46 12.74 -3.61
CA GLN B 91 -32.42 12.00 -2.35
C GLN B 91 -31.58 12.70 -1.29
N ILE B 92 -30.74 13.65 -1.68
CA ILE B 92 -29.95 14.39 -0.71
C ILE B 92 -30.83 15.49 -0.13
N ALA B 93 -31.74 15.11 0.74
CA ALA B 93 -32.73 16.01 1.32
C ALA B 93 -33.37 15.31 2.52
N PRO B 94 -33.95 16.07 3.44
CA PRO B 94 -34.60 15.43 4.60
C PRO B 94 -35.77 14.55 4.17
N GLY B 95 -35.94 13.45 4.87
CA GLY B 95 -37.05 12.53 4.65
C GLY B 95 -37.09 11.82 3.33
N GLN B 96 -35.97 11.67 2.63
CA GLN B 96 -35.95 10.92 1.37
C GLN B 96 -35.59 9.46 1.63
N THR B 97 -35.94 8.62 0.66
CA THR B 97 -35.60 7.20 0.66
C THR B 97 -35.00 6.79 -0.68
N GLY B 98 -34.35 5.63 -0.67
CA GLY B 98 -33.66 5.09 -1.82
C GLY B 98 -32.30 4.58 -1.41
N LYS B 99 -31.60 4.13 -2.43
CA LYS B 99 -30.23 3.66 -2.35
C LYS B 99 -29.34 4.73 -1.70
N ILE B 100 -29.30 5.96 -2.27
CA ILE B 100 -28.35 6.94 -1.75
C ILE B 100 -28.77 7.40 -0.37
N ALA B 101 -30.08 7.65 -0.17
CA ALA B 101 -30.52 8.15 1.12
C ALA B 101 -30.44 7.08 2.19
N ASP B 102 -30.79 5.83 1.84
CA ASP B 102 -30.87 4.79 2.86
C ASP B 102 -29.54 4.13 3.15
N TYR B 103 -28.67 3.95 2.15
CA TYR B 103 -27.50 3.10 2.29
C TYR B 103 -26.18 3.85 2.26
N ASN B 104 -26.17 5.11 1.83
CA ASN B 104 -24.93 5.83 1.59
C ASN B 104 -24.83 7.08 2.45
N TYR B 105 -25.76 8.01 2.33
CA TYR B 105 -25.63 9.30 3.00
C TYR B 105 -27.02 9.80 3.35
N LYS B 106 -27.34 9.88 4.64
CA LYS B 106 -28.67 10.27 5.06
C LYS B 106 -28.64 11.59 5.79
N LEU B 107 -29.60 12.58 5.36
CA LEU B 107 -29.77 13.81 6.13
C LEU B 107 -30.87 13.60 7.17
N PRO B 108 -30.74 14.26 8.32
CA PRO B 108 -31.78 14.17 9.35
C PRO B 108 -32.99 15.02 8.98
N ASP B 109 -34.11 14.72 9.63
CA ASP B 109 -35.35 15.43 9.34
C ASP B 109 -35.27 16.90 9.74
N ASP B 110 -34.47 17.24 10.75
CA ASP B 110 -34.27 18.63 11.14
C ASP B 110 -32.99 19.20 10.54
N PHE B 111 -32.76 18.92 9.27
CA PHE B 111 -31.53 19.37 8.63
C PHE B 111 -31.60 20.89 8.48
N THR B 112 -30.52 21.56 8.85
CA THR B 112 -30.45 23.02 8.84
C THR B 112 -29.31 23.55 7.97
N GLY B 113 -28.98 22.84 6.91
CA GLY B 113 -27.88 23.25 6.06
C GLY B 113 -28.29 23.43 4.61
N CYS B 114 -27.32 23.39 3.70
CA CYS B 114 -27.58 23.57 2.27
C CYS B 114 -27.08 22.36 1.48
N VAL B 115 -27.82 22.01 0.43
CA VAL B 115 -27.38 21.01 -0.54
C VAL B 115 -27.12 21.74 -1.84
N ILE B 116 -25.89 21.67 -2.32
CA ILE B 116 -25.46 22.29 -3.57
C ILE B 116 -24.96 21.16 -4.47
N ALA B 117 -25.42 21.12 -5.71
CA ALA B 117 -25.01 20.08 -6.63
C ALA B 117 -24.80 20.67 -8.01
N TRP B 118 -23.82 20.12 -8.73
CA TRP B 118 -23.56 20.57 -10.11
C TRP B 118 -23.04 19.44 -10.98
N ASN B 119 -23.36 19.53 -12.28
CA ASN B 119 -23.08 18.48 -13.25
C ASN B 119 -21.61 18.47 -13.62
N SER B 120 -20.99 17.30 -13.54
CA SER B 120 -19.55 17.16 -13.74
C SER B 120 -19.24 16.09 -14.77
N ASN B 121 -20.05 16.04 -15.82
CA ASN B 121 -19.81 15.11 -16.92
C ASN B 121 -18.48 15.42 -17.61
N ASN B 122 -18.14 16.70 -17.75
CA ASN B 122 -16.86 17.04 -18.38
C ASN B 122 -15.69 16.53 -17.55
N LEU B 123 -15.87 16.36 -16.24
CA LEU B 123 -14.79 15.97 -15.33
C LEU B 123 -14.77 14.49 -15.01
N ASP B 124 -15.92 13.91 -14.69
CA ASP B 124 -15.98 12.60 -14.06
C ASP B 124 -16.39 11.48 -15.00
N SER B 125 -16.49 11.72 -16.30
CA SER B 125 -16.80 10.67 -17.26
C SER B 125 -15.58 10.32 -18.09
N LYS B 126 -15.44 9.04 -18.40
CA LYS B 126 -14.39 8.55 -19.28
C LYS B 126 -15.02 7.68 -20.36
N VAL B 127 -14.41 7.71 -21.55
CA VAL B 127 -14.95 6.94 -22.66
C VAL B 127 -14.99 5.46 -22.31
N GLY B 128 -13.95 4.96 -21.63
CA GLY B 128 -13.92 3.60 -21.15
C GLY B 128 -14.69 3.36 -19.86
N GLY B 129 -15.36 4.37 -19.31
CA GLY B 129 -16.02 4.25 -18.03
C GLY B 129 -15.14 4.63 -16.85
N ASN B 130 -15.67 5.41 -15.91
CA ASN B 130 -14.94 5.86 -14.73
C ASN B 130 -15.49 5.09 -13.54
N TYR B 131 -14.73 4.12 -13.06
CA TYR B 131 -15.18 3.26 -11.98
C TYR B 131 -14.65 3.70 -10.61
N ASN B 132 -14.07 4.90 -10.53
CA ASN B 132 -13.55 5.46 -9.29
C ASN B 132 -14.64 5.99 -8.39
N TYR B 133 -15.89 5.93 -8.81
CA TYR B 133 -17.00 6.41 -8.00
C TYR B 133 -17.90 5.23 -7.69
N LEU B 134 -18.02 4.91 -6.42
CA LEU B 134 -18.76 3.75 -5.99
C LEU B 134 -19.99 4.16 -5.18
N TYR B 135 -20.82 3.17 -4.90
CA TYR B 135 -21.98 3.35 -4.06
C TYR B 135 -22.29 1.99 -3.46
N ARG B 136 -23.00 2.00 -2.35
CA ARG B 136 -23.38 0.77 -1.67
C ARG B 136 -24.79 0.39 -2.11
N LEU B 137 -24.94 -0.85 -2.56
CA LEU B 137 -26.20 -1.36 -3.09
C LEU B 137 -26.95 -2.30 -2.14
N PHE B 138 -26.28 -2.87 -1.14
CA PHE B 138 -26.89 -3.81 -0.23
C PHE B 138 -26.52 -3.43 1.20
N ARG B 139 -27.52 -3.43 2.07
CA ARG B 139 -27.27 -3.20 3.48
C ARG B 139 -28.40 -3.84 4.25
N LYS B 140 -28.07 -4.45 5.39
CA LYS B 140 -29.12 -5.15 6.11
C LYS B 140 -30.12 -4.17 6.69
N SER B 141 -29.72 -2.91 6.91
CA SER B 141 -30.61 -1.92 7.52
C SER B 141 -30.28 -0.53 6.99
N ASN B 142 -31.17 0.41 7.27
CA ASN B 142 -31.00 1.80 6.82
C ASN B 142 -30.00 2.55 7.70
N LEU B 143 -29.29 3.49 7.08
CA LEU B 143 -28.31 4.31 7.81
C LEU B 143 -29.00 5.32 8.70
N LYS B 144 -28.33 5.65 9.81
CA LYS B 144 -28.70 6.77 10.65
C LYS B 144 -28.13 8.06 10.04
N PRO B 145 -28.71 9.20 10.38
CA PRO B 145 -28.26 10.46 9.77
C PRO B 145 -26.78 10.72 10.02
N PHE B 146 -26.06 11.08 8.94
CA PHE B 146 -24.63 11.39 8.97
C PHE B 146 -23.78 10.19 9.41
N GLU B 147 -24.26 8.98 9.19
CA GLU B 147 -23.45 7.79 9.37
C GLU B 147 -22.67 7.52 8.09
N ARG B 148 -21.45 7.01 8.23
CA ARG B 148 -20.63 6.59 7.11
C ARG B 148 -20.33 5.10 7.26
N ASP B 149 -20.71 4.32 6.27
CA ASP B 149 -20.43 2.90 6.25
C ASP B 149 -19.42 2.63 5.15
N ILE B 150 -18.23 2.18 5.52
CA ILE B 150 -17.21 1.90 4.54
C ILE B 150 -16.84 0.41 4.52
N SER B 151 -17.70 -0.43 5.06
CA SER B 151 -17.44 -1.86 5.09
C SER B 151 -17.52 -2.49 3.70
N THR B 152 -16.64 -3.47 3.45
CA THR B 152 -16.69 -4.26 2.22
C THR B 152 -17.08 -5.70 2.52
N GLU B 153 -17.78 -5.92 3.63
CA GLU B 153 -18.21 -7.26 4.01
C GLU B 153 -19.27 -7.78 3.06
N ILE B 154 -19.15 -9.07 2.71
CA ILE B 154 -20.11 -9.71 1.83
C ILE B 154 -21.50 -9.57 2.43
N TYR B 155 -22.47 -9.18 1.60
CA TYR B 155 -23.83 -9.08 2.09
C TYR B 155 -24.48 -10.43 1.99
N GLN B 156 -25.04 -10.91 3.10
CA GLN B 156 -25.67 -12.22 3.14
C GLN B 156 -27.16 -12.09 2.83
N ALA B 157 -27.60 -12.71 1.74
CA ALA B 157 -28.99 -12.58 1.34
C ALA B 157 -29.83 -13.78 1.75
N GLY B 158 -29.22 -14.85 2.24
CA GLY B 158 -30.01 -15.99 2.64
C GLY B 158 -29.79 -16.36 4.09
N SER B 159 -30.14 -17.58 4.47
CA SER B 159 -29.88 -18.02 5.82
C SER B 159 -28.50 -18.65 5.97
N THR B 160 -27.94 -19.17 4.90
CA THR B 160 -26.58 -19.72 4.91
C THR B 160 -25.56 -18.58 4.94
N PRO B 161 -24.58 -18.64 5.82
CA PRO B 161 -23.59 -17.57 5.86
C PRO B 161 -22.59 -17.69 4.72
N CYS B 162 -22.03 -16.54 4.36
CA CYS B 162 -21.01 -16.42 3.33
C CYS B 162 -19.72 -16.22 4.09
N ASN B 163 -18.85 -17.21 4.08
CA ASN B 163 -17.60 -17.07 4.82
C ASN B 163 -16.58 -16.38 3.91
N GLY B 164 -16.90 -15.13 3.58
CA GLY B 164 -16.04 -14.31 2.76
C GLY B 164 -16.00 -14.70 1.30
N VAL B 165 -16.98 -15.45 0.82
CA VAL B 165 -17.01 -15.93 -0.56
C VAL B 165 -18.22 -15.35 -1.26
N GLU B 166 -18.02 -14.81 -2.47
CA GLU B 166 -19.13 -14.25 -3.24
C GLU B 166 -19.76 -15.34 -4.08
N GLY B 167 -21.08 -15.38 -4.08
CA GLY B 167 -21.75 -16.43 -4.79
C GLY B 167 -23.24 -16.21 -4.77
N PHE B 168 -23.95 -17.33 -4.71
CA PHE B 168 -25.40 -17.30 -4.67
C PHE B 168 -25.82 -16.77 -3.32
N ASN B 169 -26.65 -15.71 -3.33
CA ASN B 169 -27.16 -15.07 -2.13
C ASN B 169 -26.07 -14.40 -1.32
N CYS B 170 -24.90 -14.21 -1.91
CA CYS B 170 -23.79 -13.54 -1.24
C CYS B 170 -23.20 -12.52 -2.20
N TYR B 171 -23.40 -11.23 -1.90
CA TYR B 171 -23.14 -10.16 -2.84
C TYR B 171 -22.08 -9.22 -2.26
N PHE B 172 -21.19 -8.74 -3.13
CA PHE B 172 -20.30 -7.68 -2.71
C PHE B 172 -21.15 -6.42 -2.55
N PRO B 173 -21.06 -5.71 -1.43
CA PRO B 173 -22.07 -4.69 -1.17
C PRO B 173 -21.88 -3.42 -1.98
N LEU B 174 -20.77 -3.24 -2.68
CA LEU B 174 -20.52 -2.00 -3.41
C LEU B 174 -20.54 -2.22 -4.91
N GLN B 175 -20.91 -1.18 -5.62
CA GLN B 175 -21.03 -1.21 -7.06
C GLN B 175 -20.45 0.10 -7.57
N SER B 176 -19.92 0.04 -8.79
CA SER B 176 -19.33 1.20 -9.43
C SER B 176 -20.35 1.85 -10.37
N TYR B 177 -20.30 3.19 -10.48
CA TYR B 177 -21.19 3.87 -11.44
C TYR B 177 -20.73 3.67 -12.87
N GLY B 178 -19.42 3.60 -13.09
CA GLY B 178 -18.94 3.45 -14.46
C GLY B 178 -19.35 4.59 -15.37
N PHE B 179 -19.26 5.83 -14.87
CA PHE B 179 -19.70 7.01 -15.60
C PHE B 179 -19.07 7.12 -16.97
N GLN B 180 -19.92 7.20 -18.01
CA GLN B 180 -19.54 7.40 -19.40
C GLN B 180 -20.12 8.70 -19.94
N PRO B 181 -19.45 9.34 -20.90
CA PRO B 181 -19.89 10.68 -21.30
C PRO B 181 -21.18 10.68 -22.08
N THR B 182 -21.49 9.60 -22.77
CA THR B 182 -22.66 9.55 -23.64
C THR B 182 -23.96 9.27 -22.90
N ASN B 183 -23.92 9.06 -21.58
CA ASN B 183 -25.14 8.73 -20.86
C ASN B 183 -26.07 9.94 -20.83
N GLY B 184 -27.35 9.68 -20.57
CA GLY B 184 -28.30 10.76 -20.39
C GLY B 184 -28.04 11.53 -19.12
N VAL B 185 -28.49 12.79 -19.12
CA VAL B 185 -28.24 13.69 -17.99
C VAL B 185 -28.62 13.07 -16.65
N GLY B 186 -29.69 12.26 -16.62
CA GLY B 186 -30.07 11.62 -15.37
C GLY B 186 -29.06 10.63 -14.85
N TYR B 187 -28.26 10.05 -15.76
CA TYR B 187 -27.22 9.10 -15.40
C TYR B 187 -25.84 9.72 -15.37
N GLN B 188 -25.73 11.03 -15.60
CA GLN B 188 -24.45 11.68 -15.63
C GLN B 188 -24.01 12.05 -14.20
N PRO B 189 -22.71 12.09 -13.95
CA PRO B 189 -22.23 12.38 -12.59
C PRO B 189 -22.50 13.80 -12.17
N TYR B 190 -22.90 13.96 -10.90
CA TYR B 190 -23.03 15.25 -10.26
C TYR B 190 -22.20 15.28 -8.99
N ARG B 191 -21.43 16.36 -8.83
CA ARG B 191 -20.72 16.61 -7.60
C ARG B 191 -21.66 17.31 -6.62
N VAL B 192 -21.72 16.79 -5.39
CA VAL B 192 -22.61 17.29 -4.35
C VAL B 192 -21.77 17.76 -3.18
N VAL B 193 -22.07 18.97 -2.69
CA VAL B 193 -21.55 19.54 -1.45
C VAL B 193 -22.73 19.82 -0.52
N VAL B 194 -22.63 19.40 0.73
CA VAL B 194 -23.68 19.59 1.72
C VAL B 194 -23.06 20.31 2.90
N LEU B 195 -23.61 21.46 3.22
CA LEU B 195 -23.09 22.29 4.30
C LEU B 195 -23.99 22.17 5.52
N SER B 196 -23.38 21.88 6.67
CA SER B 196 -24.04 21.75 7.96
C SER B 196 -23.39 22.72 8.93
N PHE B 197 -24.19 23.44 9.71
CA PHE B 197 -23.68 24.49 10.57
C PHE B 197 -23.75 24.07 12.03
N GLU B 198 -22.59 23.90 12.65
CA GLU B 198 -22.49 23.42 14.01
C GLU B 198 -22.42 24.61 14.94
N LEU B 199 -23.28 24.61 15.94
CA LEU B 199 -23.45 25.72 16.86
C LEU B 199 -23.20 25.17 18.24
N LEU B 200 -21.93 25.15 18.61
CA LEU B 200 -21.54 24.57 19.87
C LEU B 200 -21.54 25.70 20.89
N HIS B 201 -22.08 25.40 22.07
CA HIS B 201 -22.26 26.42 23.09
C HIS B 201 -20.85 26.75 23.61
N ALA B 202 -20.18 27.60 22.83
CA ALA B 202 -18.80 28.07 22.95
C ALA B 202 -18.66 29.23 21.96
N PRO B 203 -17.52 29.94 21.89
CA PRO B 203 -17.45 31.05 20.95
C PRO B 203 -17.52 30.57 19.51
N ALA B 204 -18.10 31.40 18.65
CA ALA B 204 -18.20 31.13 17.23
C ALA B 204 -16.87 31.44 16.55
N THR B 205 -16.32 30.48 15.81
CA THR B 205 -15.03 30.68 15.14
C THR B 205 -15.11 30.72 13.61
N VAL B 206 -16.30 30.64 13.01
CA VAL B 206 -16.43 30.82 11.57
C VAL B 206 -17.49 31.89 11.32
N CYS B 207 -17.19 32.85 10.45
CA CYS B 207 -18.07 34.00 10.29
C CYS B 207 -17.93 34.66 8.92
N GLY B 208 -18.99 35.33 8.51
CA GLY B 208 -19.02 35.96 7.22
C GLY B 208 -18.47 37.37 7.35
N PRO B 209 -18.42 38.10 6.23
CA PRO B 209 -17.98 39.50 6.13
C PRO B 209 -19.13 40.47 6.33
N GLN C 1 11.62 15.97 26.06
CA GLN C 1 11.47 16.75 24.83
C GLN C 1 10.52 16.07 23.85
N VAL C 2 10.59 14.73 23.78
CA VAL C 2 9.70 13.99 22.89
C VAL C 2 8.30 13.93 23.48
N GLN C 3 7.30 14.21 22.66
CA GLN C 3 5.96 14.50 23.17
C GLN C 3 4.91 14.03 22.17
N LEU C 4 3.83 13.44 22.69
CA LEU C 4 2.79 12.85 21.86
C LEU C 4 1.44 13.20 22.50
N VAL C 5 0.68 14.09 21.87
CA VAL C 5 -0.53 14.62 22.50
C VAL C 5 -1.73 14.36 21.59
N GLU C 6 -2.69 13.59 22.07
CA GLU C 6 -3.81 13.22 21.23
C GLU C 6 -5.08 13.89 21.74
N SER C 7 -5.94 14.26 20.79
CA SER C 7 -7.14 15.02 21.06
C SER C 7 -8.25 14.53 20.14
N GLY C 8 -9.45 15.03 20.40
CA GLY C 8 -10.63 14.78 19.59
C GLY C 8 -11.63 13.82 20.19
N GLY C 9 -11.40 13.34 21.41
CA GLY C 9 -12.33 12.47 22.09
C GLY C 9 -13.53 13.21 22.67
N GLY C 10 -14.51 12.42 23.07
CA GLY C 10 -15.73 13.00 23.61
C GLY C 10 -16.90 12.07 23.36
N LEU C 11 -18.08 12.67 23.26
CA LEU C 11 -19.36 11.99 23.17
C LEU C 11 -19.78 11.84 21.71
N VAL C 12 -20.19 10.62 21.34
CA VAL C 12 -20.69 10.37 20.00
C VAL C 12 -21.81 9.33 20.10
N LYS C 13 -22.86 9.49 19.28
CA LYS C 13 -23.99 8.57 19.33
C LYS C 13 -23.72 7.33 18.50
N PRO C 14 -24.40 6.23 18.82
CA PRO C 14 -24.20 4.97 18.06
C PRO C 14 -24.38 5.18 16.56
N GLY C 15 -23.41 4.70 15.80
CA GLY C 15 -23.42 4.91 14.38
C GLY C 15 -22.82 6.21 13.92
N GLY C 16 -22.37 7.06 14.84
CA GLY C 16 -21.71 8.28 14.45
C GLY C 16 -20.24 8.07 14.10
N SER C 17 -19.63 9.15 13.61
CA SER C 17 -18.23 9.18 13.22
C SER C 17 -17.51 10.19 14.08
N LEU C 18 -16.26 9.87 14.42
CA LEU C 18 -15.42 10.79 15.19
C LEU C 18 -13.99 10.67 14.70
N ARG C 19 -13.25 11.78 14.73
CA ARG C 19 -11.88 11.79 14.21
C ARG C 19 -10.91 12.18 15.32
N LEU C 20 -9.97 11.29 15.62
CA LEU C 20 -8.94 11.54 16.63
C LEU C 20 -7.68 12.01 15.94
N SER C 21 -6.97 12.93 16.58
CA SER C 21 -5.68 13.39 16.09
C SER C 21 -4.64 13.15 17.17
N CYS C 22 -3.39 13.08 16.75
CA CYS C 22 -2.27 12.99 17.66
C CYS C 22 -1.14 13.82 17.07
N ALA C 23 -0.72 14.84 17.81
CA ALA C 23 0.36 15.74 17.42
C ALA C 23 1.66 15.30 18.08
N ALA C 24 2.74 15.22 17.29
CA ALA C 24 4.04 14.75 17.74
C ALA C 24 5.05 15.88 17.77
N SER C 25 5.96 15.83 18.76
CA SER C 25 7.09 16.74 18.86
C SER C 25 8.32 15.95 19.32
N GLY C 26 9.50 16.43 18.92
CA GLY C 26 10.74 15.95 19.48
C GLY C 26 11.41 14.80 18.77
N PHE C 27 10.84 14.32 17.66
CA PHE C 27 11.52 13.30 16.87
C PHE C 27 11.11 13.49 15.42
N THR C 28 11.85 12.86 14.52
CA THR C 28 11.54 13.00 13.11
C THR C 28 10.35 12.08 12.79
N PHE C 29 9.16 12.68 12.86
CA PHE C 29 7.90 11.94 12.69
C PHE C 29 7.95 11.03 11.47
N SER C 30 8.54 11.51 10.37
CA SER C 30 8.45 10.83 9.08
C SER C 30 9.08 9.45 9.08
N ASP C 31 9.85 9.07 10.10
CA ASP C 31 10.65 7.85 10.02
C ASP C 31 10.02 6.65 10.72
N TYR C 32 8.90 6.82 11.40
CA TYR C 32 8.41 5.79 12.30
C TYR C 32 7.06 5.25 11.87
N TYR C 33 6.79 4.01 12.29
CA TYR C 33 5.42 3.51 12.29
C TYR C 33 4.67 4.14 13.46
N MET C 34 3.42 4.52 13.22
CA MET C 34 2.56 5.09 14.26
C MET C 34 1.36 4.17 14.50
N THR C 35 0.98 4.01 15.78
CA THR C 35 -0.11 3.15 16.20
C THR C 35 -1.19 3.90 16.96
N TRP C 36 -2.37 3.29 16.90
CA TRP C 36 -3.44 3.56 17.82
C TRP C 36 -3.67 2.28 18.62
N ILE C 37 -3.74 2.41 19.93
CA ILE C 37 -4.09 1.31 20.81
C ILE C 37 -5.21 1.81 21.68
N ARG C 38 -6.15 0.95 22.04
CA ARG C 38 -7.26 1.43 22.85
C ARG C 38 -7.48 0.51 24.04
N GLN C 39 -8.13 1.07 25.05
CA GLN C 39 -8.38 0.39 26.32
C GLN C 39 -9.74 0.78 26.87
N ALA C 40 -10.65 -0.18 27.00
CA ALA C 40 -11.93 0.13 27.59
C ALA C 40 -11.79 0.31 29.11
N PRO C 41 -12.66 1.11 29.73
CA PRO C 41 -12.54 1.34 31.18
C PRO C 41 -12.63 0.02 31.94
N GLY C 42 -11.59 -0.25 32.73
CA GLY C 42 -11.48 -1.49 33.46
C GLY C 42 -10.99 -2.67 32.66
N LYS C 43 -10.63 -2.48 31.39
CA LYS C 43 -10.32 -3.58 30.48
C LYS C 43 -8.87 -3.50 30.03
N GLY C 44 -8.49 -4.43 29.14
CA GLY C 44 -7.10 -4.56 28.75
C GLY C 44 -6.76 -3.74 27.53
N LEU C 45 -5.49 -3.79 27.14
CA LEU C 45 -5.04 -3.09 25.96
C LEU C 45 -5.50 -3.86 24.71
N GLU C 46 -5.94 -3.12 23.70
CA GLU C 46 -6.33 -3.70 22.41
C GLU C 46 -5.70 -2.88 21.30
N TRP C 47 -4.80 -3.50 20.55
CA TRP C 47 -4.15 -2.84 19.43
C TRP C 47 -5.19 -2.60 18.33
N VAL C 48 -5.12 -1.43 17.69
CA VAL C 48 -6.12 -1.00 16.71
C VAL C 48 -5.56 -1.00 15.29
N SER C 49 -4.49 -0.25 15.04
CA SER C 49 -3.95 -0.13 13.69
C SER C 49 -2.59 0.54 13.72
N TYR C 50 -1.82 0.32 12.65
CA TYR C 50 -0.60 1.12 12.48
C TYR C 50 -0.30 1.36 11.02
N ILE C 51 0.40 2.47 10.81
CA ILE C 51 0.66 3.07 9.51
C ILE C 51 2.15 3.33 9.37
N SER C 52 2.67 3.10 8.16
CA SER C 52 4.06 3.32 7.82
C SER C 52 4.31 4.77 7.44
N SER C 53 5.55 5.09 7.08
CA SER C 53 5.97 6.48 6.88
C SER C 53 5.24 7.15 5.72
N SER C 54 5.15 6.46 4.56
CA SER C 54 4.47 7.01 3.39
C SER C 54 2.95 7.00 3.52
N GLY C 55 2.41 6.08 4.31
CA GLY C 55 0.98 5.88 4.38
C GLY C 55 0.47 4.76 3.50
N SER C 56 1.37 4.06 2.83
CA SER C 56 1.02 3.00 1.91
C SER C 56 1.03 1.62 2.55
N THR C 57 1.42 1.48 3.80
CA THR C 57 1.36 0.21 4.50
C THR C 57 0.52 0.39 5.76
N ILE C 58 -0.64 -0.25 5.77
CA ILE C 58 -1.62 -0.08 6.82
C ILE C 58 -2.12 -1.43 7.29
N TYR C 59 -2.18 -1.62 8.61
CA TYR C 59 -2.78 -2.83 9.14
C TYR C 59 -3.80 -2.45 10.20
N TYR C 60 -4.91 -3.22 10.25
CA TYR C 60 -6.02 -3.03 11.16
C TYR C 60 -6.30 -4.31 11.95
N ALA C 61 -6.84 -4.13 13.14
CA ALA C 61 -7.33 -5.26 13.91
C ALA C 61 -8.68 -5.69 13.34
N ASP C 62 -9.03 -6.96 13.55
CA ASP C 62 -10.26 -7.48 12.98
C ASP C 62 -11.49 -6.74 13.52
N SER C 63 -11.53 -6.50 14.83
CA SER C 63 -12.61 -5.77 15.48
C SER C 63 -12.90 -4.43 14.81
N VAL C 64 -11.89 -3.82 14.21
CA VAL C 64 -11.96 -2.46 13.74
C VAL C 64 -12.04 -2.36 12.21
N LYS C 65 -11.79 -3.46 11.49
CA LYS C 65 -11.62 -3.42 10.05
C LYS C 65 -12.94 -3.16 9.33
N GLY C 66 -12.89 -2.31 8.34
CA GLY C 66 -14.11 -1.95 7.67
C GLY C 66 -14.86 -0.83 8.32
N ARG C 67 -14.32 -0.26 9.37
CA ARG C 67 -14.97 0.82 10.09
C ARG C 67 -14.02 1.96 10.35
N PHE C 68 -12.75 1.67 10.67
CA PHE C 68 -11.79 2.71 10.99
C PHE C 68 -10.80 2.90 9.84
N THR C 69 -10.34 4.15 9.69
CA THR C 69 -9.30 4.50 8.73
C THR C 69 -8.19 5.25 9.46
N ILE C 70 -6.97 4.72 9.39
CA ILE C 70 -5.80 5.40 9.95
C ILE C 70 -5.16 6.23 8.84
N SER C 71 -4.63 7.39 9.19
CA SER C 71 -3.96 8.20 8.19
C SER C 71 -2.95 9.10 8.88
N ARG C 72 -2.12 9.75 8.10
CA ARG C 72 -0.99 10.46 8.66
C ARG C 72 -0.68 11.68 7.81
N ASP C 73 -0.25 12.76 8.46
CA ASP C 73 0.24 13.96 7.77
C ASP C 73 1.65 14.25 8.29
N ASN C 74 2.66 13.93 7.49
CA ASN C 74 4.05 14.08 7.92
C ASN C 74 4.46 15.54 8.00
N ALA C 75 3.94 16.38 7.10
CA ALA C 75 4.28 17.79 7.15
C ALA C 75 3.75 18.46 8.42
N LYS C 76 2.61 18.00 8.92
CA LYS C 76 2.01 18.54 10.14
C LYS C 76 2.39 17.73 11.38
N ASN C 77 3.19 16.67 11.22
CA ASN C 77 3.59 15.78 12.33
C ASN C 77 2.38 15.20 13.06
N SER C 78 1.36 14.79 12.32
CA SER C 78 0.13 14.35 12.96
C SER C 78 -0.37 13.01 12.44
N LEU C 79 -0.98 12.27 13.35
CA LEU C 79 -1.58 10.98 13.07
C LEU C 79 -3.08 11.12 13.29
N TYR C 80 -3.89 10.48 12.47
CA TYR C 80 -5.33 10.58 12.60
C TYR C 80 -5.93 9.19 12.59
N LEU C 81 -7.04 9.08 13.31
CA LEU C 81 -7.90 7.91 13.25
C LEU C 81 -9.32 8.37 12.99
N GLN C 82 -9.89 7.99 11.84
CA GLN C 82 -11.28 8.24 11.49
C GLN C 82 -12.10 7.03 11.89
N MET C 83 -13.01 7.20 12.84
CA MET C 83 -13.85 6.12 13.31
C MET C 83 -15.27 6.32 12.77
N ASN C 84 -15.87 5.23 12.30
CA ASN C 84 -17.17 5.23 11.65
C ASN C 84 -18.01 4.13 12.25
N SER C 85 -19.34 4.27 12.11
CA SER C 85 -20.29 3.27 12.59
C SER C 85 -19.93 2.84 14.02
N LEU C 86 -19.78 3.82 14.88
CA LEU C 86 -19.39 3.51 16.25
C LEU C 86 -20.50 2.75 16.97
N ARG C 87 -20.09 1.82 17.81
CA ARG C 87 -20.99 1.10 18.69
C ARG C 87 -20.49 1.33 20.12
N ALA C 88 -21.28 0.91 21.10
CA ALA C 88 -20.90 1.18 22.48
C ALA C 88 -19.62 0.45 22.87
N GLU C 89 -19.34 -0.70 22.26
CA GLU C 89 -18.14 -1.47 22.54
C GLU C 89 -16.87 -0.76 22.07
N ASP C 90 -16.99 0.35 21.36
CA ASP C 90 -15.84 1.16 21.02
C ASP C 90 -15.53 2.22 22.08
N THR C 91 -16.28 2.26 23.18
CA THR C 91 -15.97 3.21 24.24
C THR C 91 -14.64 2.84 24.88
N ALA C 92 -13.68 3.75 24.82
CA ALA C 92 -12.36 3.40 25.31
C ALA C 92 -11.47 4.64 25.32
N VAL C 93 -10.37 4.52 26.05
CA VAL C 93 -9.27 5.47 25.95
C VAL C 93 -8.49 5.08 24.71
N TYR C 94 -8.31 6.02 23.80
CA TYR C 94 -7.52 5.79 22.60
C TYR C 94 -6.15 6.43 22.82
N TYR C 95 -5.11 5.59 22.91
CA TYR C 95 -3.72 6.01 23.00
C TYR C 95 -3.10 6.07 21.62
N CYS C 96 -2.33 7.12 21.38
CA CYS C 96 -1.45 7.22 20.22
C CYS C 96 -0.04 6.88 20.68
N ALA C 97 0.64 6.00 19.95
CA ALA C 97 2.00 5.61 20.33
C ALA C 97 2.90 5.53 19.11
N ARG C 98 4.19 5.75 19.35
CA ARG C 98 5.22 5.68 18.32
C ARG C 98 6.02 4.41 18.52
N ALA C 99 6.39 3.75 17.41
CA ALA C 99 7.32 2.64 17.51
C ALA C 99 8.66 3.15 18.04
N ARG C 100 9.18 2.46 19.05
CA ARG C 100 10.42 2.91 19.66
C ARG C 100 11.54 2.97 18.62
N GLY C 101 11.64 1.97 17.77
CA GLY C 101 12.60 1.99 16.69
C GLY C 101 11.98 2.58 15.42
N SER C 102 12.80 3.31 14.66
CA SER C 102 12.35 3.86 13.39
C SER C 102 12.51 2.81 12.30
N SER C 103 11.38 2.47 11.66
CA SER C 103 11.35 1.43 10.63
C SER C 103 10.30 1.74 9.59
N GLY C 104 9.87 3.00 9.49
CA GLY C 104 8.68 3.38 8.74
C GLY C 104 8.81 3.31 7.23
N TRP C 105 10.02 3.36 6.68
CA TRP C 105 10.18 3.51 5.24
C TRP C 105 9.85 2.23 4.48
N TYR C 106 9.63 1.12 5.15
CA TYR C 106 9.44 -0.15 4.45
C TYR C 106 8.13 -0.77 4.88
N ARG C 107 7.56 -1.59 3.99
CA ARG C 107 6.40 -2.37 4.37
C ARG C 107 6.83 -3.50 5.28
N ILE C 108 8.10 -3.87 5.18
CA ILE C 108 8.71 -4.93 5.97
C ILE C 108 9.03 -4.44 7.36
N GLY C 109 9.05 -3.13 7.57
CA GLY C 109 9.43 -2.54 8.84
C GLY C 109 8.45 -2.79 9.96
N THR C 110 7.30 -3.39 9.65
CA THR C 110 6.39 -3.80 10.72
C THR C 110 7.09 -4.77 11.67
N ARG C 111 8.08 -5.52 11.17
CA ARG C 111 8.83 -6.45 12.00
C ARG C 111 9.58 -5.73 13.11
N TRP C 112 10.18 -4.59 12.81
CA TRP C 112 10.93 -3.81 13.77
C TRP C 112 10.16 -2.58 14.23
N GLY C 113 8.84 -2.57 14.08
CA GLY C 113 8.03 -1.45 14.53
C GLY C 113 6.89 -1.89 15.41
N ASN C 114 7.05 -2.99 16.13
CA ASN C 114 5.95 -3.58 16.88
C ASN C 114 6.11 -3.45 18.40
N TRP C 115 7.13 -2.75 18.90
CA TRP C 115 7.22 -2.39 20.31
C TRP C 115 7.17 -0.88 20.43
N PHE C 116 6.32 -0.37 21.32
CA PHE C 116 5.94 1.04 21.27
C PHE C 116 6.42 1.84 22.46
N ASP C 117 7.05 2.98 22.17
CA ASP C 117 7.49 3.98 23.13
C ASP C 117 7.95 5.19 22.33
N PRO C 118 7.49 6.40 22.67
CA PRO C 118 6.58 6.86 23.71
C PRO C 118 5.10 6.60 23.43
N TRP C 119 4.25 6.82 24.43
CA TRP C 119 2.80 6.82 24.27
C TRP C 119 2.30 8.20 24.63
N GLY C 120 1.12 8.55 24.11
CA GLY C 120 0.42 9.73 24.57
C GLY C 120 -0.40 9.45 25.83
N GLN C 121 -1.13 10.47 26.28
CA GLN C 121 -1.92 10.33 27.49
C GLN C 121 -3.23 9.60 27.24
N GLY C 122 -3.71 9.60 26.00
CA GLY C 122 -4.96 8.94 25.69
C GLY C 122 -6.11 9.94 25.62
N THR C 123 -7.16 9.53 24.90
CA THR C 123 -8.37 10.34 24.80
C THR C 123 -9.58 9.47 25.03
N LEU C 124 -10.50 9.93 25.88
CA LEU C 124 -11.67 9.13 26.19
C LEU C 124 -12.74 9.31 25.11
N VAL C 125 -13.23 8.20 24.57
CA VAL C 125 -14.31 8.22 23.59
C VAL C 125 -15.47 7.42 24.17
N THR C 126 -16.63 8.06 24.24
CA THR C 126 -17.85 7.49 24.79
C THR C 126 -18.87 7.40 23.67
N VAL C 127 -19.37 6.20 23.41
CA VAL C 127 -20.42 5.99 22.42
C VAL C 127 -21.70 5.70 23.18
N SER C 128 -22.58 6.69 23.23
CA SER C 128 -23.79 6.60 24.04
C SER C 128 -24.90 7.42 23.39
N SER C 129 -26.14 6.94 23.53
CA SER C 129 -27.29 7.69 23.02
C SER C 129 -27.75 8.78 23.97
N ALA C 130 -27.29 8.76 25.23
CA ALA C 130 -27.58 9.82 26.18
C ALA C 130 -26.90 11.11 25.76
N SER C 131 -27.32 12.22 26.34
CA SER C 131 -26.85 13.52 25.89
C SER C 131 -25.97 14.18 26.94
N THR C 132 -25.10 15.07 26.47
CA THR C 132 -24.10 15.67 27.32
C THR C 132 -24.75 16.67 28.27
N LYS C 133 -24.30 16.67 29.52
CA LYS C 133 -24.93 17.51 30.54
C LYS C 133 -24.12 18.75 30.89
N GLY C 134 -23.05 18.56 31.65
CA GLY C 134 -22.26 19.68 32.15
C GLY C 134 -22.48 19.82 33.65
N PRO C 135 -21.41 20.12 34.38
CA PRO C 135 -21.47 20.06 35.85
C PRO C 135 -21.83 21.38 36.52
N SER C 136 -22.41 21.24 37.70
CA SER C 136 -22.50 22.33 38.65
C SER C 136 -21.33 22.21 39.60
N VAL C 137 -20.64 23.33 39.86
CA VAL C 137 -19.40 23.32 40.62
C VAL C 137 -19.61 24.06 41.93
N PHE C 138 -19.45 23.36 43.05
CA PHE C 138 -19.66 24.01 44.34
C PHE C 138 -18.41 23.91 45.21
N PRO C 139 -18.21 24.86 46.12
CA PRO C 139 -17.04 24.80 47.00
C PRO C 139 -17.31 23.91 48.19
N LEU C 140 -16.25 23.28 48.67
CA LEU C 140 -16.29 22.45 49.87
C LEU C 140 -15.41 23.17 50.88
N ALA C 141 -16.01 23.96 51.71
CA ALA C 141 -15.30 24.87 52.59
C ALA C 141 -15.14 24.25 53.98
N PRO C 142 -14.08 24.64 54.71
CA PRO C 142 -13.83 24.24 56.11
C PRO C 142 -14.57 25.12 57.14
N ALA C 153 -8.40 21.17 54.89
CA ALA C 153 -8.99 20.50 53.73
C ALA C 153 -10.09 21.34 53.07
N LEU C 154 -9.88 21.63 51.78
CA LEU C 154 -10.79 22.41 50.97
C LEU C 154 -11.08 21.58 49.72
N GLY C 155 -12.23 21.82 49.10
CA GLY C 155 -12.45 21.01 47.93
C GLY C 155 -13.41 21.66 46.95
N CYS C 156 -13.70 20.90 45.90
CA CYS C 156 -14.69 21.23 44.90
C CYS C 156 -15.56 20.02 44.66
N LEU C 157 -16.87 20.23 44.63
CA LEU C 157 -17.81 19.20 44.23
C LEU C 157 -18.24 19.55 42.81
N VAL C 158 -17.83 18.71 41.86
CA VAL C 158 -18.23 18.83 40.48
C VAL C 158 -19.35 17.82 40.32
N LYS C 159 -20.56 18.31 40.06
CA LYS C 159 -21.78 17.57 40.31
C LYS C 159 -22.59 17.41 39.02
N ASP C 160 -23.10 16.19 38.83
CA ASP C 160 -24.06 15.81 37.79
C ASP C 160 -23.66 16.30 36.39
N TYR C 161 -22.66 15.60 35.84
CA TYR C 161 -22.19 15.83 34.48
C TYR C 161 -22.18 14.51 33.74
N PHE C 162 -22.13 14.61 32.40
CA PHE C 162 -22.04 13.45 31.53
C PHE C 162 -21.56 13.90 30.17
N PRO C 163 -20.64 13.17 29.52
CA PRO C 163 -20.08 11.96 30.11
C PRO C 163 -18.77 12.25 30.84
N GLU C 164 -18.03 11.20 31.19
CA GLU C 164 -16.64 11.40 31.58
C GLU C 164 -15.88 11.94 30.36
N PRO C 165 -14.74 12.61 30.57
CA PRO C 165 -14.05 12.89 31.82
C PRO C 165 -14.20 14.35 32.23
N VAL C 166 -13.86 14.66 33.47
CA VAL C 166 -13.72 16.04 33.89
C VAL C 166 -12.30 16.22 34.40
N THR C 167 -11.74 17.39 34.17
CA THR C 167 -10.38 17.68 34.65
C THR C 167 -10.45 18.83 35.64
N VAL C 168 -9.80 18.64 36.79
CA VAL C 168 -9.77 19.61 37.86
C VAL C 168 -8.31 19.97 38.10
N SER C 169 -8.07 21.24 38.34
CA SER C 169 -6.74 21.71 38.73
C SER C 169 -6.92 22.84 39.73
N TRP C 170 -5.83 23.21 40.40
CA TRP C 170 -5.89 24.22 41.44
C TRP C 170 -4.90 25.32 41.13
N ASN C 171 -5.39 26.57 41.16
CA ASN C 171 -4.62 27.73 40.72
C ASN C 171 -3.97 27.44 39.38
N SER C 172 -4.83 27.12 38.41
CA SER C 172 -4.45 26.78 37.05
C SER C 172 -3.42 25.65 37.00
N GLY C 173 -3.39 24.82 38.03
CA GLY C 173 -2.40 23.75 38.13
C GLY C 173 -1.02 24.17 38.58
N ALA C 174 -0.88 25.32 39.25
CA ALA C 174 0.34 25.67 39.93
C ALA C 174 0.41 25.08 41.33
N LEU C 175 -0.74 24.70 41.88
CA LEU C 175 -0.83 24.04 43.18
C LEU C 175 -1.03 22.56 42.93
N THR C 176 -0.02 21.75 43.27
CA THR C 176 -0.07 20.30 43.22
C THR C 176 0.02 19.65 44.59
N SER C 177 0.93 20.16 45.43
CA SER C 177 1.16 19.64 46.77
C SER C 177 -0.12 19.53 47.59
N GLY C 178 -0.53 18.31 47.88
CA GLY C 178 -1.69 18.08 48.71
C GLY C 178 -3.02 17.93 47.99
N VAL C 179 -3.01 17.70 46.68
CA VAL C 179 -4.24 17.59 45.92
C VAL C 179 -4.51 16.13 45.59
N HIS C 180 -5.71 15.67 45.91
CA HIS C 180 -6.20 14.36 45.49
C HIS C 180 -7.58 14.57 44.87
N THR C 181 -7.69 14.33 43.56
CA THR C 181 -8.97 14.33 42.86
C THR C 181 -9.53 12.90 42.92
N PHE C 182 -10.71 12.75 43.50
CA PHE C 182 -11.22 11.40 43.66
C PHE C 182 -11.90 10.91 42.39
N PRO C 183 -11.94 9.60 42.17
CA PRO C 183 -12.67 9.05 41.02
C PRO C 183 -14.15 9.38 41.11
N ALA C 184 -14.77 9.56 39.94
CA ALA C 184 -16.16 9.97 39.92
C ALA C 184 -17.07 8.83 40.39
N VAL C 185 -18.30 9.19 40.74
CA VAL C 185 -19.32 8.24 41.14
C VAL C 185 -20.37 8.21 40.03
N LEU C 186 -20.85 7.02 39.71
CA LEU C 186 -21.90 6.86 38.72
C LEU C 186 -23.22 6.72 39.46
N GLN C 187 -24.13 7.65 39.24
CA GLN C 187 -25.38 7.62 39.97
C GLN C 187 -26.39 6.74 39.25
N SER C 188 -27.46 6.38 39.95
CA SER C 188 -28.52 5.60 39.32
C SER C 188 -29.15 6.39 38.19
N SER C 189 -29.07 7.73 38.26
CA SER C 189 -29.44 8.60 37.14
C SER C 189 -28.68 8.23 35.88
N GLY C 190 -27.46 7.74 36.02
CA GLY C 190 -26.52 7.61 34.92
C GLY C 190 -25.62 8.80 34.73
N LEU C 191 -25.62 9.74 35.66
CA LEU C 191 -24.76 10.90 35.64
C LEU C 191 -23.59 10.72 36.62
N TYR C 192 -22.57 11.57 36.44
CA TYR C 192 -21.33 11.47 37.20
C TYR C 192 -21.13 12.64 38.14
N SER C 193 -20.53 12.36 39.28
CA SER C 193 -20.09 13.41 40.19
C SER C 193 -18.72 13.03 40.74
N LEU C 194 -17.89 14.04 40.99
CA LEU C 194 -16.63 13.81 41.68
C LEU C 194 -16.33 14.98 42.60
N SER C 195 -15.38 14.75 43.51
CA SER C 195 -14.89 15.75 44.44
C SER C 195 -13.37 15.80 44.30
N SER C 196 -12.80 16.99 44.42
CA SER C 196 -11.36 17.15 44.48
C SER C 196 -11.02 17.84 45.79
N VAL C 197 -10.03 17.32 46.52
CA VAL C 197 -9.67 17.86 47.82
C VAL C 197 -8.22 18.31 47.79
N VAL C 198 -7.94 19.41 48.49
CA VAL C 198 -6.59 19.83 48.79
C VAL C 198 -6.49 20.04 50.30
N THR C 199 -5.51 19.39 50.92
CA THR C 199 -5.26 19.57 52.35
C THR C 199 -4.19 20.65 52.49
N VAL C 200 -4.54 21.74 53.16
CA VAL C 200 -3.67 22.90 53.21
C VAL C 200 -3.40 23.19 54.72
N PRO C 201 -2.31 23.90 54.99
CA PRO C 201 -2.04 24.27 56.39
C PRO C 201 -3.10 25.22 56.93
N SER C 202 -3.52 24.98 58.18
CA SER C 202 -4.57 25.80 58.77
C SER C 202 -4.17 27.26 58.89
N SER C 203 -2.87 27.55 58.92
CA SER C 203 -2.42 28.93 58.97
C SER C 203 -2.67 29.66 57.65
N SER C 204 -2.57 28.95 56.52
CA SER C 204 -2.81 29.54 55.21
C SER C 204 -4.29 29.51 54.84
N LEU C 205 -5.14 29.05 55.77
CA LEU C 205 -6.56 28.83 55.51
C LEU C 205 -7.36 30.11 55.26
N GLY C 206 -6.86 31.26 55.68
CA GLY C 206 -7.62 32.50 55.51
C GLY C 206 -7.00 33.55 54.62
N THR C 207 -5.68 33.55 54.48
CA THR C 207 -4.94 34.54 53.69
C THR C 207 -4.64 34.12 52.27
N GLN C 208 -4.37 32.84 52.02
CA GLN C 208 -4.01 32.36 50.70
C GLN C 208 -5.23 32.21 49.80
N THR C 209 -5.01 32.31 48.49
CA THR C 209 -6.08 32.23 47.52
C THR C 209 -6.07 30.85 46.87
N TYR C 210 -7.22 30.19 46.87
CA TYR C 210 -7.36 28.84 46.34
C TYR C 210 -8.44 28.82 45.27
N ILE C 211 -8.03 28.67 44.02
CA ILE C 211 -8.93 28.65 42.87
C ILE C 211 -9.01 27.23 42.33
N CYS C 212 -10.22 26.74 42.15
CA CYS C 212 -10.47 25.42 41.61
C CYS C 212 -10.94 25.59 40.16
N ASN C 213 -10.20 25.00 39.23
CA ASN C 213 -10.47 25.04 37.80
C ASN C 213 -11.09 23.72 37.36
N VAL C 214 -12.26 23.79 36.75
CA VAL C 214 -12.98 22.63 36.24
C VAL C 214 -13.18 22.81 34.75
N ASN C 215 -12.79 21.78 33.98
CA ASN C 215 -13.02 21.74 32.54
C ASN C 215 -13.72 20.43 32.20
N HIS C 216 -14.85 20.54 31.52
CA HIS C 216 -15.62 19.40 31.02
C HIS C 216 -15.80 19.68 29.54
N LYS C 217 -14.90 19.10 28.74
CA LYS C 217 -14.90 19.38 27.30
C LYS C 217 -16.18 18.96 26.60
N PRO C 218 -16.81 17.80 26.92
CA PRO C 218 -18.04 17.40 26.21
C PRO C 218 -19.13 18.46 26.18
N SER C 219 -19.17 19.34 27.16
CA SER C 219 -20.16 20.41 27.24
C SER C 219 -19.55 21.77 26.97
N ASN C 220 -18.24 21.84 26.75
CA ASN C 220 -17.48 23.08 26.70
C ASN C 220 -17.67 23.92 27.96
N THR C 221 -17.55 23.27 29.12
CA THR C 221 -17.76 23.89 30.43
C THR C 221 -16.42 24.19 31.12
N LYS C 222 -16.10 25.47 31.29
CA LYS C 222 -14.91 25.90 32.05
C LYS C 222 -15.33 26.83 33.18
N VAL C 223 -15.21 26.34 34.41
CA VAL C 223 -15.61 27.08 35.60
C VAL C 223 -14.40 27.27 36.50
N ASP C 224 -14.27 28.45 37.10
CA ASP C 224 -13.30 28.70 38.17
C ASP C 224 -14.05 29.14 39.43
N LYS C 225 -13.87 28.38 40.50
CA LYS C 225 -14.56 28.62 41.77
C LYS C 225 -13.53 28.91 42.84
N LYS C 226 -13.69 29.99 43.58
CA LYS C 226 -12.78 30.28 44.67
C LYS C 226 -13.41 29.76 45.96
N VAL C 227 -12.63 29.04 46.73
CA VAL C 227 -13.14 28.37 47.92
C VAL C 227 -12.51 29.07 49.11
N GLU C 228 -13.37 29.61 49.97
CA GLU C 228 -12.98 30.36 51.14
C GLU C 228 -13.77 29.79 52.31
N PRO C 229 -13.29 29.99 53.54
CA PRO C 229 -14.02 29.49 54.71
C PRO C 229 -15.27 30.32 54.99
N LYS C 230 -16.19 29.72 55.74
CA LYS C 230 -17.43 30.37 56.09
C LYS C 230 -17.38 31.00 57.47
N ALA D 3 -6.33 -11.59 22.74
CA ALA D 3 -6.27 -12.87 22.05
C ALA D 3 -5.14 -13.74 22.61
N LEU D 4 -4.03 -13.14 23.06
CA LEU D 4 -3.01 -13.90 23.77
C LEU D 4 -3.47 -14.14 25.20
N THR D 5 -3.22 -15.33 25.71
CA THR D 5 -3.76 -15.72 27.00
C THR D 5 -2.79 -15.41 28.11
N GLN D 6 -3.23 -14.58 29.06
CA GLN D 6 -2.54 -14.27 30.31
C GLN D 6 -3.37 -14.71 31.52
N PRO D 7 -2.73 -15.00 32.64
CA PRO D 7 -3.50 -15.19 33.87
C PRO D 7 -4.07 -13.84 34.29
N ALA D 8 -5.28 -13.87 34.86
CA ALA D 8 -5.91 -12.60 35.19
C ALA D 8 -5.17 -11.91 36.32
N SER D 9 -4.74 -12.67 37.32
CA SER D 9 -4.02 -12.11 38.46
C SER D 9 -2.99 -13.12 38.96
N VAL D 10 -1.93 -12.61 39.57
CA VAL D 10 -0.91 -13.40 40.24
C VAL D 10 -0.49 -12.61 41.45
N SER D 11 0.10 -13.32 42.43
CA SER D 11 0.57 -12.67 43.64
C SER D 11 1.81 -13.36 44.16
N GLY D 12 2.74 -12.55 44.64
CA GLY D 12 3.94 -13.08 45.26
C GLY D 12 4.28 -12.24 46.49
N SER D 13 5.13 -12.81 47.32
CA SER D 13 5.65 -12.13 48.49
C SER D 13 6.86 -11.29 48.12
N PRO D 14 7.10 -10.19 48.84
CA PRO D 14 8.24 -9.33 48.51
C PRO D 14 9.55 -10.09 48.55
N GLY D 15 10.45 -9.74 47.63
CA GLY D 15 11.75 -10.35 47.56
C GLY D 15 11.80 -11.64 46.78
N GLN D 16 10.68 -12.33 46.60
CA GLN D 16 10.71 -13.56 45.84
CA GLN D 16 10.67 -13.57 45.83
C GLN D 16 10.76 -13.26 44.34
N SER D 17 10.90 -14.32 43.56
CA SER D 17 10.89 -14.27 42.11
C SER D 17 9.48 -14.60 41.65
N ILE D 18 9.00 -13.93 40.61
CA ILE D 18 7.66 -14.24 40.09
C ILE D 18 7.65 -14.19 38.56
N THR D 19 6.88 -15.09 37.93
CA THR D 19 6.81 -15.23 36.48
C THR D 19 5.37 -15.03 35.96
N ILE D 20 5.23 -14.29 34.85
CA ILE D 20 3.94 -14.11 34.19
C ILE D 20 4.02 -14.71 32.80
N SER D 21 3.16 -15.68 32.52
CA SER D 21 3.12 -16.39 31.25
C SER D 21 2.15 -15.73 30.26
N CYS D 22 2.50 -15.81 28.97
CA CYS D 22 1.72 -15.28 27.86
C CYS D 22 1.71 -16.31 26.73
N THR D 23 0.59 -16.98 26.51
CA THR D 23 0.53 -18.06 25.56
C THR D 23 -0.18 -17.64 24.27
N GLY D 24 0.49 -17.87 23.14
CA GLY D 24 -0.01 -17.59 21.81
C GLY D 24 0.04 -18.84 20.96
N THR D 25 0.28 -18.65 19.66
CA THR D 25 0.29 -19.78 18.77
C THR D 25 1.53 -19.81 17.90
N SER D 26 1.56 -20.76 16.96
CA SER D 26 2.62 -20.83 15.97
C SER D 26 2.76 -19.52 15.21
N SER D 27 1.64 -18.86 14.92
CA SER D 27 1.63 -17.65 14.10
C SER D 27 2.05 -16.37 14.84
N ASP D 28 2.26 -16.40 16.15
CA ASP D 28 2.74 -15.17 16.78
C ASP D 28 3.94 -15.40 17.69
N VAL D 29 3.71 -15.65 18.99
CA VAL D 29 4.85 -15.73 19.90
C VAL D 29 5.76 -16.91 19.52
N GLY D 30 5.18 -18.02 19.07
CA GLY D 30 5.96 -19.16 18.63
C GLY D 30 6.60 -19.02 17.25
N GLY D 31 6.10 -18.09 16.44
CA GLY D 31 6.63 -17.84 15.10
C GLY D 31 7.70 -16.77 14.96
N TYR D 32 7.72 -15.81 15.88
CA TYR D 32 8.64 -14.69 15.79
C TYR D 32 9.28 -14.42 17.16
N ASN D 33 10.35 -13.64 17.15
CA ASN D 33 11.00 -13.20 18.37
C ASN D 33 10.65 -11.73 18.57
N TYR D 34 9.36 -11.42 18.53
CA TYR D 34 8.90 -10.05 18.68
C TYR D 34 7.80 -10.04 19.73
N VAL D 35 8.17 -10.34 20.97
CA VAL D 35 7.25 -10.30 22.10
C VAL D 35 7.66 -9.15 22.99
N SER D 36 6.70 -8.29 23.30
CA SER D 36 6.92 -7.08 24.08
C SER D 36 6.15 -7.22 25.38
N TRP D 37 6.63 -6.56 26.43
CA TRP D 37 5.92 -6.49 27.71
C TRP D 37 5.77 -5.06 28.16
N TYR D 38 4.60 -4.72 28.66
CA TYR D 38 4.32 -3.38 29.17
C TYR D 38 3.83 -3.50 30.60
N GLN D 39 4.23 -2.54 31.47
CA GLN D 39 3.60 -2.38 32.76
C GLN D 39 2.74 -1.10 32.77
N GLN D 40 1.60 -1.17 33.44
CA GLN D 40 0.69 -0.04 33.55
C GLN D 40 0.27 0.16 35.00
N HIS D 41 0.51 1.35 35.53
CA HIS D 41 0.05 1.78 36.84
C HIS D 41 -1.25 2.56 36.72
N PRO D 42 -2.04 2.61 37.80
CA PRO D 42 -3.33 3.33 37.76
C PRO D 42 -3.21 4.77 37.27
N GLY D 43 -4.02 5.10 36.26
CA GLY D 43 -4.07 6.43 35.69
C GLY D 43 -2.87 6.84 34.87
N LYS D 44 -2.04 5.89 34.44
CA LYS D 44 -0.85 6.20 33.65
C LYS D 44 -0.87 5.38 32.37
N ALA D 45 -0.09 5.83 31.39
CA ALA D 45 -0.03 5.09 30.13
C ALA D 45 0.92 3.91 30.30
N PRO D 46 0.81 2.90 29.43
CA PRO D 46 1.69 1.75 29.58
C PRO D 46 3.14 2.13 29.33
N LYS D 47 4.03 1.35 29.94
CA LYS D 47 5.47 1.59 29.87
C LYS D 47 6.15 0.33 29.37
N LEU D 48 6.91 0.45 28.28
CA LEU D 48 7.57 -0.71 27.69
C LEU D 48 8.69 -1.18 28.61
N MET D 49 8.66 -2.46 28.99
CA MET D 49 9.68 -3.07 29.83
C MET D 49 10.57 -4.03 29.06
N ILE D 50 10.03 -4.77 28.09
CA ILE D 50 10.80 -5.76 27.35
C ILE D 50 10.35 -5.71 25.90
N TYR D 51 11.29 -5.87 24.98
CA TYR D 51 10.96 -6.01 23.57
C TYR D 51 11.86 -7.09 22.98
N GLU D 52 11.45 -7.60 21.83
CA GLU D 52 12.14 -8.69 21.17
C GLU D 52 12.39 -9.83 22.14
N VAL D 53 11.34 -10.17 22.89
CA VAL D 53 11.33 -11.28 23.84
C VAL D 53 12.11 -11.00 25.10
N SER D 54 13.38 -10.62 24.94
CA SER D 54 14.28 -10.51 26.08
C SER D 54 15.04 -9.19 26.21
N ASN D 55 14.91 -8.25 25.27
CA ASN D 55 15.70 -7.02 25.40
C ASN D 55 15.03 -6.10 26.41
N ARG D 56 15.84 -5.45 27.20
CA ARG D 56 15.34 -4.51 28.18
C ARG D 56 15.78 -3.12 27.75
N PRO D 57 14.88 -2.16 27.63
CA PRO D 57 15.32 -0.80 27.28
C PRO D 57 16.19 -0.24 28.39
N SER D 58 16.97 0.77 28.03
CA SER D 58 17.89 1.34 29.00
C SER D 58 17.08 2.15 30.01
N GLY D 59 17.29 1.84 31.29
CA GLY D 59 16.59 2.46 32.39
C GLY D 59 15.64 1.53 33.13
N VAL D 60 15.08 0.56 32.43
CA VAL D 60 14.22 -0.43 33.07
C VAL D 60 15.06 -1.24 34.06
N SER D 61 14.48 -1.52 35.22
CA SER D 61 15.16 -2.27 36.26
C SER D 61 15.69 -3.60 35.74
N ASN D 62 16.83 -4.01 36.26
CA ASN D 62 17.41 -5.29 35.86
C ASN D 62 16.67 -6.46 36.50
N ARG D 63 15.69 -6.17 37.36
CA ARG D 63 14.88 -7.20 37.96
C ARG D 63 13.91 -7.79 36.97
N PHE D 64 13.66 -7.10 35.85
CA PHE D 64 12.75 -7.54 34.81
C PHE D 64 13.54 -8.23 33.71
N SER D 65 13.10 -9.42 33.31
CA SER D 65 13.72 -10.07 32.18
C SER D 65 12.63 -10.85 31.45
N GLY D 66 12.90 -11.12 30.19
CA GLY D 66 11.96 -11.80 29.33
C GLY D 66 12.58 -13.05 28.69
N SER D 67 11.76 -14.07 28.53
CA SER D 67 12.18 -15.37 28.04
C SER D 67 11.06 -15.90 27.14
N LYS D 68 11.41 -16.86 26.29
CA LYS D 68 10.40 -17.50 25.46
C LYS D 68 10.70 -18.99 25.35
N SER D 69 9.65 -19.79 25.24
CA SER D 69 9.81 -21.23 25.02
C SER D 69 8.52 -21.75 24.40
N GLY D 70 8.64 -22.32 23.22
CA GLY D 70 7.47 -22.81 22.55
C GLY D 70 6.59 -21.64 22.20
N ASN D 71 5.31 -21.82 22.47
CA ASN D 71 4.29 -20.81 22.22
C ASN D 71 3.99 -19.99 23.45
N THR D 72 4.88 -19.96 24.43
CA THR D 72 4.63 -19.23 25.66
C THR D 72 5.81 -18.33 25.98
N ALA D 73 5.55 -17.03 26.08
CA ALA D 73 6.56 -16.08 26.52
C ALA D 73 6.36 -15.85 28.02
N SER D 74 7.44 -15.44 28.69
CA SER D 74 7.38 -15.22 30.12
C SER D 74 8.12 -13.95 30.46
N LEU D 75 7.53 -13.19 31.37
CA LEU D 75 8.11 -12.01 32.01
C LEU D 75 8.42 -12.41 33.44
N THR D 76 9.66 -12.30 33.84
CA THR D 76 10.03 -12.68 35.19
C THR D 76 10.61 -11.49 35.93
N ILE D 77 10.17 -11.34 37.19
CA ILE D 77 10.54 -10.26 38.10
C ILE D 77 11.31 -10.85 39.27
N SER D 78 12.61 -10.54 39.37
CA SER D 78 13.37 -11.02 40.51
C SER D 78 13.30 -10.00 41.62
N GLY D 79 13.32 -10.49 42.87
CA GLY D 79 13.15 -9.59 43.98
C GLY D 79 11.92 -8.69 43.95
N LEU D 80 10.70 -9.25 44.06
CA LEU D 80 9.48 -8.44 44.01
C LEU D 80 9.55 -7.25 44.95
N GLN D 81 9.05 -6.10 44.49
CA GLN D 81 8.92 -4.93 45.34
C GLN D 81 7.49 -4.41 45.24
N ALA D 82 7.07 -3.67 46.27
CA ALA D 82 5.68 -3.23 46.30
C ALA D 82 5.35 -2.35 45.10
N GLU D 83 6.33 -1.62 44.58
CA GLU D 83 6.10 -0.76 43.42
C GLU D 83 5.92 -1.54 42.12
N ASP D 84 6.08 -2.86 42.13
CA ASP D 84 5.85 -3.66 40.94
C ASP D 84 4.40 -4.04 40.80
N GLU D 85 3.59 -3.71 41.78
CA GLU D 85 2.17 -4.00 41.75
C GLU D 85 1.55 -3.10 40.70
N ALA D 86 1.08 -3.70 39.61
CA ALA D 86 0.53 -3.00 38.44
C ALA D 86 -0.10 -4.05 37.52
N ASP D 87 -0.61 -3.58 36.37
CA ASP D 87 -1.06 -4.49 35.32
C ASP D 87 0.07 -4.71 34.32
N TYR D 88 0.20 -5.95 33.86
CA TYR D 88 1.24 -6.31 32.90
C TYR D 88 0.61 -6.92 31.65
N TYR D 89 1.06 -6.45 30.47
CA TYR D 89 0.51 -6.87 29.19
C TYR D 89 1.61 -7.41 28.29
N CYS D 90 1.34 -8.51 27.60
CA CYS D 90 2.27 -8.96 26.58
C CYS D 90 1.66 -8.68 25.21
N SER D 91 2.52 -8.40 24.24
CA SER D 91 2.09 -8.24 22.87
C SER D 91 3.06 -9.01 21.99
N SER D 92 2.59 -9.39 20.80
CA SER D 92 3.57 -9.86 19.82
C SER D 92 3.08 -9.59 18.41
N TYR D 93 4.05 -9.60 17.51
CA TYR D 93 3.85 -9.45 16.08
C TYR D 93 3.22 -10.73 15.54
N THR D 94 2.40 -10.60 14.50
CA THR D 94 1.72 -11.77 13.99
C THR D 94 2.14 -12.06 12.55
N SER D 95 1.84 -13.27 12.12
CA SER D 95 2.05 -13.69 10.74
C SER D 95 1.26 -12.84 9.75
N SER D 96 0.19 -12.18 10.18
CA SER D 96 -0.55 -11.27 9.33
C SER D 96 -0.04 -9.83 9.49
N SER D 97 1.14 -9.66 10.09
CA SER D 97 1.77 -8.36 10.38
C SER D 97 0.90 -7.47 11.25
N ASN D 98 0.10 -8.06 12.14
CA ASN D 98 -0.58 -7.31 13.18
C ASN D 98 0.25 -7.38 14.47
N VAL D 99 -0.23 -6.69 15.49
CA VAL D 99 0.21 -6.87 16.85
C VAL D 99 -1.03 -7.24 17.64
N VAL D 100 -0.92 -8.26 18.48
CA VAL D 100 -2.01 -8.58 19.41
C VAL D 100 -1.44 -8.55 20.81
N PHE D 101 -2.27 -8.09 21.74
CA PHE D 101 -1.95 -8.05 23.15
C PHE D 101 -2.68 -9.17 23.86
N GLY D 102 -2.17 -9.53 25.06
CA GLY D 102 -2.89 -10.43 25.92
C GLY D 102 -3.91 -9.70 26.74
N GLY D 103 -4.72 -10.44 27.50
CA GLY D 103 -5.75 -9.82 28.31
C GLY D 103 -5.24 -9.01 29.50
N GLY D 104 -3.97 -9.15 29.86
CA GLY D 104 -3.41 -8.43 30.98
C GLY D 104 -3.46 -9.23 32.28
N THR D 105 -2.56 -8.86 33.17
CA THR D 105 -2.40 -9.55 34.45
C THR D 105 -2.24 -8.52 35.54
N MET D 106 -3.13 -8.52 36.52
CA MET D 106 -2.96 -7.69 37.72
C MET D 106 -2.02 -8.42 38.69
N LEU D 107 -0.84 -7.86 38.95
CA LEU D 107 0.11 -8.46 39.89
C LEU D 107 -0.04 -7.83 41.26
N THR D 108 -0.29 -8.67 42.27
CA THR D 108 -0.42 -8.27 43.67
C THR D 108 0.83 -8.65 44.46
N VAL D 109 1.32 -7.71 45.27
CA VAL D 109 2.41 -7.95 46.21
C VAL D 109 1.83 -8.08 47.62
N LEU D 110 2.02 -9.24 48.23
CA LEU D 110 1.48 -9.58 49.55
C LEU D 110 2.31 -8.97 50.66
N GLY D 111 1.74 -9.02 51.88
CA GLY D 111 2.44 -8.58 53.06
C GLY D 111 2.60 -7.08 53.23
N GLN D 112 1.80 -6.28 52.51
CA GLN D 112 1.90 -4.84 52.71
C GLN D 112 1.13 -4.44 53.97
N PRO D 113 1.60 -3.42 54.68
CA PRO D 113 0.98 -3.07 55.97
C PRO D 113 -0.43 -2.55 55.81
N LYS D 114 -1.30 -2.94 56.74
CA LYS D 114 -2.64 -2.38 56.79
C LYS D 114 -2.57 -0.90 57.19
N ALA D 115 -3.55 -0.14 56.72
CA ALA D 115 -3.62 1.28 57.02
C ALA D 115 -5.06 1.70 57.25
N ALA D 116 -5.27 2.54 58.26
CA ALA D 116 -6.59 3.04 58.59
C ALA D 116 -6.99 4.17 57.64
N PRO D 117 -8.27 4.30 57.33
CA PRO D 117 -8.71 5.33 56.39
C PRO D 117 -8.67 6.73 57.01
N SER D 118 -8.47 7.71 56.14
CA SER D 118 -8.60 9.13 56.48
C SER D 118 -9.94 9.57 55.89
N VAL D 119 -10.90 9.81 56.77
CA VAL D 119 -12.22 10.26 56.38
C VAL D 119 -12.28 11.78 56.47
N THR D 120 -12.95 12.38 55.50
CA THR D 120 -13.11 13.83 55.45
C THR D 120 -14.52 14.13 54.95
N LEU D 121 -15.39 14.57 55.86
CA LEU D 121 -16.79 14.82 55.51
C LEU D 121 -17.07 16.31 55.41
N PHE D 122 -17.78 16.70 54.35
CA PHE D 122 -18.17 18.06 54.05
C PHE D 122 -19.69 18.23 54.04
N PRO D 123 -20.16 19.39 54.49
CA PRO D 123 -21.58 19.69 54.50
C PRO D 123 -21.97 20.38 53.21
N PRO D 124 -23.27 20.65 52.98
CA PRO D 124 -23.65 21.39 51.77
C PRO D 124 -23.07 22.79 51.78
N SER D 125 -22.72 23.26 50.58
CA SER D 125 -22.23 24.62 50.42
C SER D 125 -23.38 25.63 50.53
N SER D 126 -23.01 26.87 50.83
CA SER D 126 -24.00 27.95 50.86
C SER D 126 -24.63 28.16 49.48
N GLU D 127 -23.83 28.11 48.41
CA GLU D 127 -24.39 28.31 47.08
C GLU D 127 -25.34 27.18 46.70
N GLU D 128 -24.97 25.94 47.03
CA GLU D 128 -25.82 24.81 46.67
C GLU D 128 -27.12 24.82 47.45
N LEU D 129 -27.11 25.35 48.68
CA LEU D 129 -28.37 25.45 49.42
C LEU D 129 -29.21 26.62 48.91
N GLN D 130 -28.55 27.68 48.43
CA GLN D 130 -29.26 28.73 47.72
C GLN D 130 -29.84 28.21 46.41
N ALA D 131 -29.37 27.07 45.90
CA ALA D 131 -29.98 26.43 44.75
C ALA D 131 -30.93 25.30 45.16
N ASN D 132 -31.32 25.26 46.43
CA ASN D 132 -32.36 24.33 46.93
C ASN D 132 -32.00 22.86 46.66
N LYS D 133 -30.75 22.51 46.95
CA LYS D 133 -30.31 21.12 46.93
C LYS D 133 -29.25 20.95 48.03
N ALA D 134 -29.10 19.73 48.54
CA ALA D 134 -28.13 19.51 49.60
C ALA D 134 -27.34 18.24 49.31
N THR D 135 -26.01 18.36 49.36
CA THR D 135 -25.16 17.19 49.16
C THR D 135 -24.08 17.15 50.22
N LEU D 136 -23.99 16.02 50.91
CA LEU D 136 -22.95 15.77 51.88
C LEU D 136 -21.93 14.84 51.26
N VAL D 137 -20.65 15.23 51.38
CA VAL D 137 -19.57 14.58 50.64
C VAL D 137 -18.65 13.91 51.64
N CYS D 138 -18.45 12.60 51.50
CA CYS D 138 -17.58 11.86 52.41
C CYS D 138 -16.43 11.27 51.62
N LEU D 139 -15.22 11.69 51.94
CA LEU D 139 -14.04 11.27 51.19
C LEU D 139 -13.16 10.39 52.06
N ILE D 140 -12.86 9.19 51.57
CA ILE D 140 -12.14 8.17 52.30
C ILE D 140 -10.85 7.90 51.55
N SER D 141 -9.71 7.97 52.22
CA SER D 141 -8.48 7.76 51.48
C SER D 141 -7.43 7.08 52.34
N ASP D 142 -6.33 6.70 51.66
CA ASP D 142 -5.12 6.12 52.27
C ASP D 142 -5.44 4.94 53.19
N PHE D 143 -6.13 3.95 52.64
CA PHE D 143 -6.53 2.79 53.42
C PHE D 143 -6.19 1.51 52.67
N TYR D 144 -5.87 0.46 53.43
CA TYR D 144 -5.46 -0.81 52.87
C TYR D 144 -5.76 -1.92 53.86
N PRO D 145 -6.31 -3.07 53.41
CA PRO D 145 -6.65 -3.46 52.04
C PRO D 145 -7.83 -2.65 51.51
N GLY D 146 -8.15 -2.81 50.24
CA GLY D 146 -9.16 -1.96 49.62
C GLY D 146 -10.57 -2.48 49.74
N ALA D 147 -11.08 -2.54 50.95
CA ALA D 147 -12.46 -2.95 51.16
C ALA D 147 -12.98 -2.21 52.37
N VAL D 148 -13.99 -1.36 52.16
CA VAL D 148 -14.61 -0.59 53.23
C VAL D 148 -16.11 -0.64 53.06
N THR D 149 -16.80 -0.36 54.16
CA THR D 149 -18.26 -0.27 54.23
C THR D 149 -18.60 1.13 54.73
N VAL D 150 -19.50 1.83 54.06
CA VAL D 150 -19.91 3.17 54.44
C VAL D 150 -21.34 3.15 54.93
N ALA D 151 -21.58 3.75 56.09
CA ALA D 151 -22.92 3.90 56.65
C ALA D 151 -23.18 5.37 56.95
N TRP D 152 -24.38 5.83 56.59
CA TRP D 152 -24.84 7.18 56.85
C TRP D 152 -25.87 7.16 57.97
N LYS D 153 -25.70 8.03 58.97
CA LYS D 153 -26.61 8.12 60.11
C LYS D 153 -27.12 9.54 60.21
N ALA D 154 -28.42 9.73 59.93
CA ALA D 154 -29.09 11.00 60.18
C ALA D 154 -29.34 11.13 61.68
N ASP D 155 -28.67 12.09 62.30
CA ASP D 155 -28.60 12.17 63.76
C ASP D 155 -28.03 10.87 64.31
N SER D 156 -28.91 9.99 64.77
CA SER D 156 -28.51 8.68 65.29
C SER D 156 -29.29 7.53 64.66
N SER D 157 -30.02 7.79 63.57
CA SER D 157 -30.78 6.77 62.87
C SER D 157 -30.22 6.51 61.48
N PRO D 158 -30.28 5.27 61.00
CA PRO D 158 -29.68 4.94 59.70
C PRO D 158 -30.39 5.62 58.53
N VAL D 159 -29.63 5.87 57.46
CA VAL D 159 -30.17 6.42 56.22
C VAL D 159 -29.86 5.47 55.08
N LYS D 160 -30.89 5.09 54.31
CA LYS D 160 -30.71 4.24 53.14
C LYS D 160 -31.10 4.92 51.84
N ALA D 161 -31.77 6.06 51.89
CA ALA D 161 -32.21 6.80 50.71
C ALA D 161 -31.21 7.90 50.38
N GLY D 162 -30.85 8.01 49.10
CA GLY D 162 -29.98 9.08 48.67
C GLY D 162 -28.52 8.81 48.87
N VAL D 163 -28.14 7.54 48.93
CA VAL D 163 -26.75 7.12 49.09
C VAL D 163 -26.23 6.66 47.74
N GLU D 164 -25.08 7.20 47.34
CA GLU D 164 -24.32 6.61 46.24
C GLU D 164 -22.85 6.56 46.64
N THR D 165 -22.29 5.35 46.72
CA THR D 165 -20.92 5.09 47.15
C THR D 165 -20.11 4.48 46.00
N THR D 166 -18.86 4.93 45.87
CA THR D 166 -18.00 4.37 44.83
C THR D 166 -17.40 3.02 45.23
N THR D 167 -16.90 2.35 44.21
CA THR D 167 -16.01 1.23 44.42
C THR D 167 -14.65 1.74 44.87
N PRO D 168 -13.93 0.95 45.67
CA PRO D 168 -12.57 1.36 46.05
C PRO D 168 -11.64 1.35 44.84
N SER D 169 -10.85 2.41 44.70
CA SER D 169 -9.90 2.57 43.60
C SER D 169 -8.47 2.66 44.15
N LYS D 170 -7.54 1.99 43.49
CA LYS D 170 -6.15 1.99 43.94
C LYS D 170 -5.44 3.31 43.65
N GLN D 171 -4.65 3.78 44.61
CA GLN D 171 -3.86 5.00 44.48
C GLN D 171 -2.42 4.68 44.08
N SER D 172 -1.66 5.75 43.84
CA SER D 172 -0.25 5.61 43.46
C SER D 172 0.61 4.97 44.55
N ASN D 173 0.23 5.14 45.82
CA ASN D 173 0.98 4.60 46.95
C ASN D 173 0.52 3.21 47.38
N ASN D 174 -0.22 2.52 46.52
CA ASN D 174 -0.72 1.16 46.69
C ASN D 174 -1.89 1.09 47.66
N LYS D 175 -2.31 2.21 48.27
CA LYS D 175 -3.46 2.17 49.15
C LYS D 175 -4.69 2.53 48.33
N TYR D 176 -5.85 2.63 48.97
CA TYR D 176 -7.09 2.82 48.24
C TYR D 176 -7.82 4.07 48.70
N ALA D 177 -8.59 4.63 47.78
CA ALA D 177 -9.46 5.78 48.02
C ALA D 177 -10.87 5.40 47.60
N ALA D 178 -11.84 6.10 48.16
CA ALA D 178 -13.25 5.90 47.85
C ALA D 178 -14.00 7.14 48.28
N SER D 179 -15.26 7.19 47.90
CA SER D 179 -16.07 8.33 48.31
C SER D 179 -17.53 7.93 48.34
N SER D 180 -18.27 8.55 49.25
CA SER D 180 -19.70 8.32 49.36
C SER D 180 -20.41 9.66 49.40
N TYR D 181 -21.63 9.66 48.89
CA TYR D 181 -22.43 10.86 48.75
C TYR D 181 -23.81 10.63 49.33
N LEU D 182 -24.28 11.59 50.13
CA LEU D 182 -25.64 11.60 50.62
C LEU D 182 -26.31 12.85 50.08
N SER D 183 -27.39 12.65 49.32
CA SER D 183 -28.11 13.75 48.70
C SER D 183 -29.43 13.91 49.44
N LEU D 184 -29.67 15.11 49.97
CA LEU D 184 -30.84 15.36 50.80
C LEU D 184 -31.42 16.74 50.48
N THR D 185 -32.70 16.89 50.85
CA THR D 185 -33.39 18.16 50.77
C THR D 185 -32.76 19.19 51.72
N PRO D 186 -32.86 20.47 51.37
CA PRO D 186 -32.50 21.50 52.35
C PRO D 186 -33.34 21.39 53.62
N GLU D 187 -34.63 21.08 53.44
CA GLU D 187 -35.53 20.83 54.56
C GLU D 187 -34.97 19.74 55.47
N GLN D 188 -34.56 18.61 54.88
CA GLN D 188 -34.04 17.49 55.68
C GLN D 188 -32.71 17.83 56.34
N TRP D 189 -31.87 18.62 55.68
CA TRP D 189 -30.59 19.00 56.25
C TRP D 189 -30.78 19.90 57.47
N LYS D 190 -31.62 20.92 57.34
CA LYS D 190 -31.87 21.82 58.47
C LYS D 190 -32.76 21.18 59.53
N SER D 191 -33.47 20.10 59.20
CA SER D 191 -34.43 19.46 60.10
C SER D 191 -33.80 18.45 61.07
N HIS D 192 -32.48 18.26 61.08
CA HIS D 192 -31.87 17.23 61.90
C HIS D 192 -30.74 17.80 62.74
N ARG D 193 -30.46 17.12 63.86
CA ARG D 193 -29.41 17.58 64.77
C ARG D 193 -28.03 17.47 64.13
N SER D 194 -27.74 16.33 63.50
CA SER D 194 -26.42 16.02 63.00
C SER D 194 -26.54 15.05 61.84
N TYR D 195 -25.48 14.96 61.03
CA TYR D 195 -25.36 13.90 60.03
C TYR D 195 -24.01 13.21 60.15
N SER D 196 -24.01 11.89 59.97
CA SER D 196 -22.86 11.05 60.31
C SER D 196 -22.45 10.21 59.11
N CYS D 197 -21.18 10.28 58.73
CA CYS D 197 -20.58 9.32 57.80
C CYS D 197 -19.60 8.48 58.60
N GLN D 198 -19.89 7.19 58.74
CA GLN D 198 -18.96 6.29 59.44
C GLN D 198 -18.56 5.17 58.49
N VAL D 199 -17.25 4.95 58.42
CA VAL D 199 -16.64 3.99 57.52
C VAL D 199 -16.03 2.88 58.34
N THR D 200 -16.44 1.65 58.05
CA THR D 200 -15.95 0.45 58.71
C THR D 200 -14.93 -0.22 57.79
N HIS D 201 -13.73 -0.41 58.30
CA HIS D 201 -12.63 -0.98 57.55
C HIS D 201 -11.93 -2.00 58.44
N GLU D 202 -11.93 -3.26 58.00
CA GLU D 202 -11.28 -4.36 58.70
C GLU D 202 -11.62 -4.34 60.20
N GLY D 203 -12.92 -4.43 60.47
CA GLY D 203 -13.35 -4.65 61.83
C GLY D 203 -13.18 -3.49 62.80
N SER D 204 -13.04 -2.27 62.31
CA SER D 204 -13.07 -1.09 63.16
C SER D 204 -13.83 -0.01 62.42
N THR D 205 -14.29 1.00 63.17
CA THR D 205 -15.12 2.04 62.60
C THR D 205 -14.50 3.42 62.83
N VAL D 206 -14.66 4.29 61.85
CA VAL D 206 -14.28 5.70 61.94
C VAL D 206 -15.56 6.49 61.70
N GLU D 207 -15.77 7.54 62.49
CA GLU D 207 -16.98 8.34 62.36
C GLU D 207 -16.62 9.81 62.20
N LYS D 208 -17.30 10.49 61.30
CA LYS D 208 -17.23 11.93 61.18
C LYS D 208 -18.66 12.43 61.13
N THR D 209 -18.92 13.56 61.77
CA THR D 209 -20.26 14.10 61.79
C THR D 209 -20.20 15.59 61.51
N VAL D 210 -21.27 16.06 60.89
CA VAL D 210 -21.37 17.40 60.32
C VAL D 210 -22.69 18.02 60.76
N ALA D 211 -22.68 19.34 60.97
CA ALA D 211 -23.85 20.00 61.53
C ALA D 211 -24.21 21.27 60.78
N PRO D 212 -25.50 21.57 60.67
CA PRO D 212 -25.92 22.81 60.01
C PRO D 212 -25.34 24.01 60.75
N THR D 213 -24.95 25.03 59.98
CA THR D 213 -24.35 26.22 60.58
C THR D 213 -24.59 27.46 59.72
N GLN E 1 -4.60 8.61 -30.96
CA GLN E 1 -4.48 9.54 -29.86
C GLN E 1 -4.04 8.84 -28.57
N VAL E 2 -4.65 7.70 -28.25
CA VAL E 2 -4.24 6.94 -27.07
C VAL E 2 -2.99 6.15 -27.39
N GLN E 3 -1.97 6.24 -26.55
CA GLN E 3 -0.66 5.78 -26.95
C GLN E 3 0.07 5.21 -25.75
N LEU E 4 0.69 4.06 -25.98
CA LEU E 4 1.40 3.31 -24.95
C LEU E 4 2.65 2.77 -25.62
N VAL E 5 3.81 3.35 -25.32
CA VAL E 5 5.05 3.03 -26.02
C VAL E 5 6.08 2.58 -25.00
N GLU E 6 6.57 1.36 -25.14
CA GLU E 6 7.48 0.82 -24.15
C GLU E 6 8.89 0.69 -24.70
N SER E 7 9.86 0.88 -23.81
CA SER E 7 11.27 0.90 -24.17
C SER E 7 12.09 0.20 -23.10
N GLY E 8 13.35 -0.06 -23.44
CA GLY E 8 14.33 -0.55 -22.48
C GLY E 8 14.65 -2.02 -22.55
N GLY E 9 14.13 -2.74 -23.52
CA GLY E 9 14.43 -4.15 -23.68
C GLY E 9 15.81 -4.39 -24.28
N GLY E 10 16.20 -5.66 -24.33
CA GLY E 10 17.48 -6.01 -24.91
C GLY E 10 18.04 -7.28 -24.29
N LEU E 11 19.36 -7.37 -24.35
CA LEU E 11 20.07 -8.56 -23.90
C LEU E 11 20.59 -8.32 -22.47
N VAL E 12 20.40 -9.30 -21.61
CA VAL E 12 20.80 -9.25 -20.21
C VAL E 12 21.42 -10.59 -19.84
N LYS E 13 22.49 -10.55 -19.04
CA LYS E 13 23.11 -11.79 -18.60
C LYS E 13 22.32 -12.33 -17.42
N PRO E 14 22.34 -13.64 -17.19
CA PRO E 14 21.61 -14.20 -16.04
C PRO E 14 22.07 -13.59 -14.71
N GLY E 15 21.10 -13.21 -13.88
CA GLY E 15 21.38 -12.53 -12.64
C GLY E 15 21.53 -11.04 -12.77
N GLY E 16 21.40 -10.50 -13.97
CA GLY E 16 21.45 -9.06 -14.17
C GLY E 16 20.14 -8.40 -13.88
N SER E 17 20.18 -7.07 -13.94
CA SER E 17 19.03 -6.23 -13.67
C SER E 17 18.71 -5.41 -14.91
N LEU E 18 17.42 -5.19 -15.17
CA LEU E 18 17.05 -4.34 -16.29
C LEU E 18 15.76 -3.60 -15.96
N ARG E 19 15.65 -2.36 -16.43
CA ARG E 19 14.49 -1.53 -16.14
C ARG E 19 13.78 -1.16 -17.44
N LEU E 20 12.50 -1.48 -17.51
CA LEU E 20 11.65 -1.15 -18.64
C LEU E 20 10.84 0.10 -18.32
N SER E 21 10.59 0.91 -19.35
CA SER E 21 9.75 2.10 -19.24
C SER E 21 8.58 1.98 -20.20
N CYS E 22 7.52 2.71 -19.90
CA CYS E 22 6.37 2.84 -20.77
C CYS E 22 5.89 4.27 -20.72
N ALA E 23 5.94 4.94 -21.85
CA ALA E 23 5.48 6.32 -21.98
C ALA E 23 4.05 6.31 -22.48
N ALA E 24 3.18 7.03 -21.77
CA ALA E 24 1.76 7.05 -22.09
C ALA E 24 1.38 8.43 -22.61
N SER E 25 0.44 8.44 -23.56
CA SER E 25 -0.14 9.68 -24.09
C SER E 25 -1.63 9.46 -24.31
N GLY E 26 -2.39 10.55 -24.25
CA GLY E 26 -3.75 10.53 -24.75
C GLY E 26 -4.81 10.20 -23.74
N PHE E 27 -4.45 10.04 -22.47
CA PHE E 27 -5.42 9.88 -21.40
C PHE E 27 -4.79 10.43 -20.13
N THR E 28 -5.62 10.67 -19.13
CA THR E 28 -5.08 11.18 -17.87
C THR E 28 -4.49 9.99 -17.14
N PHE E 29 -3.18 9.85 -17.27
CA PHE E 29 -2.44 8.70 -16.73
C PHE E 29 -2.80 8.45 -15.27
N SER E 30 -2.95 9.51 -14.47
CA SER E 30 -3.06 9.36 -13.03
C SER E 30 -4.28 8.57 -12.57
N ASP E 31 -5.25 8.30 -13.43
CA ASP E 31 -6.51 7.73 -12.97
C ASP E 31 -6.60 6.22 -13.14
N TYR E 32 -5.62 5.58 -13.77
CA TYR E 32 -5.79 4.19 -14.18
C TYR E 32 -4.84 3.26 -13.45
N TYR E 33 -5.25 2.00 -13.31
CA TYR E 33 -4.32 0.97 -12.96
C TYR E 33 -3.44 0.66 -14.17
N MET E 34 -2.16 0.40 -13.95
CA MET E 34 -1.28 0.03 -15.05
C MET E 34 -0.69 -1.36 -14.80
N THR E 35 -0.61 -2.18 -15.86
CA THR E 35 -0.09 -3.54 -15.79
C THR E 35 1.12 -3.73 -16.67
N TRP E 36 1.87 -4.76 -16.29
CA TRP E 36 2.84 -5.40 -17.16
C TRP E 36 2.35 -6.82 -17.42
N ILE E 37 2.31 -7.23 -18.69
CA ILE E 37 1.99 -8.60 -19.07
C ILE E 37 3.09 -9.07 -19.99
N ARG E 38 3.47 -10.35 -19.91
CA ARG E 38 4.58 -10.82 -20.72
C ARG E 38 4.23 -12.11 -21.45
N GLN E 39 4.96 -12.36 -22.52
CA GLN E 39 4.73 -13.52 -23.38
C GLN E 39 6.08 -14.04 -23.86
N ALA E 40 6.41 -15.27 -23.48
CA ALA E 40 7.63 -15.88 -23.99
C ALA E 40 7.43 -16.29 -25.45
N PRO E 41 8.50 -16.28 -26.25
CA PRO E 41 8.36 -16.57 -27.68
C PRO E 41 7.75 -17.94 -27.92
N GLY E 42 6.66 -17.95 -28.68
CA GLY E 42 5.92 -19.17 -28.95
C GLY E 42 4.99 -19.61 -27.83
N LYS E 43 4.87 -18.83 -26.77
CA LYS E 43 4.11 -19.23 -25.60
C LYS E 43 2.98 -18.23 -25.33
N GLY E 44 2.28 -18.43 -24.22
CA GLY E 44 1.10 -17.65 -23.91
C GLY E 44 1.36 -16.43 -23.04
N LEU E 45 0.28 -15.72 -22.76
CA LEU E 45 0.30 -14.51 -21.95
C LEU E 45 0.49 -14.86 -20.47
N GLU E 46 1.30 -14.06 -19.79
CA GLU E 46 1.50 -14.22 -18.36
C GLU E 46 1.43 -12.85 -17.68
N TRP E 47 0.45 -12.71 -16.81
CA TRP E 47 0.32 -11.47 -16.06
C TRP E 47 1.47 -11.34 -15.06
N VAL E 48 2.00 -10.12 -14.95
CA VAL E 48 3.18 -9.84 -14.14
C VAL E 48 2.83 -9.04 -12.89
N SER E 49 2.24 -7.85 -13.07
CA SER E 49 2.00 -6.97 -11.93
C SER E 49 1.13 -5.81 -12.35
N TYR E 50 0.48 -5.17 -11.36
CA TYR E 50 -0.16 -3.88 -11.65
C TYR E 50 -0.13 -3.00 -10.41
N ILE E 51 -0.16 -1.70 -10.72
CA ILE E 51 0.04 -0.60 -9.78
C ILE E 51 -1.09 0.42 -9.91
N SER E 52 -1.53 0.94 -8.75
CA SER E 52 -2.59 1.93 -8.65
C SER E 52 -2.01 3.34 -8.83
N SER E 53 -2.88 4.36 -8.74
CA SER E 53 -2.50 5.72 -9.11
C SER E 53 -1.42 6.29 -8.18
N SER E 54 -1.59 6.12 -6.87
CA SER E 54 -0.57 6.62 -5.94
C SER E 54 0.67 5.76 -5.98
N GLY E 55 0.52 4.48 -6.28
CA GLY E 55 1.59 3.54 -6.13
C GLY E 55 1.55 2.84 -4.81
N SER E 56 0.51 3.04 -4.02
CA SER E 56 0.34 2.48 -2.69
C SER E 56 -0.40 1.15 -2.70
N THR E 57 -0.88 0.68 -3.85
CA THR E 57 -1.47 -0.65 -3.99
C THR E 57 -0.79 -1.35 -5.16
N ILE E 58 -0.04 -2.40 -4.86
CA ILE E 58 0.77 -3.08 -5.86
C ILE E 58 0.54 -4.58 -5.73
N TYR E 59 0.33 -5.26 -6.85
CA TYR E 59 0.21 -6.71 -6.76
C TYR E 59 1.10 -7.36 -7.79
N TYR E 60 1.68 -8.51 -7.40
CA TYR E 60 2.61 -9.27 -8.23
C TYR E 60 2.13 -10.70 -8.42
N ALA E 61 2.53 -11.28 -9.55
CA ALA E 61 2.36 -12.69 -9.76
C ALA E 61 3.41 -13.45 -8.95
N ASP E 62 3.10 -14.72 -8.65
CA ASP E 62 4.01 -15.53 -7.84
C ASP E 62 5.36 -15.73 -8.53
N SER E 63 5.33 -15.97 -9.84
CA SER E 63 6.56 -16.11 -10.64
C SER E 63 7.53 -14.95 -10.43
N VAL E 64 6.99 -13.77 -10.17
CA VAL E 64 7.75 -12.53 -10.20
C VAL E 64 7.98 -11.91 -8.82
N LYS E 65 7.25 -12.35 -7.79
CA LYS E 65 7.27 -11.67 -6.50
C LYS E 65 8.61 -11.90 -5.79
N GLY E 66 9.17 -10.83 -5.22
CA GLY E 66 10.48 -10.90 -4.62
C GLY E 66 11.62 -10.66 -5.57
N ARG E 67 11.34 -10.34 -6.80
CA ARG E 67 12.36 -10.15 -7.82
C ARG E 67 12.14 -8.88 -8.63
N PHE E 68 10.88 -8.55 -8.96
CA PHE E 68 10.54 -7.37 -9.74
C PHE E 68 9.87 -6.31 -8.87
N THR E 69 10.09 -5.04 -9.23
CA THR E 69 9.44 -3.91 -8.60
C THR E 69 8.76 -3.08 -9.68
N ILE E 70 7.45 -2.92 -9.58
CA ILE E 70 6.71 -2.07 -10.48
C ILE E 70 6.63 -0.69 -9.85
N SER E 71 6.67 0.35 -10.69
CA SER E 71 6.60 1.72 -10.18
C SER E 71 6.05 2.62 -11.27
N ARG E 72 5.71 3.86 -10.88
CA ARG E 72 5.13 4.78 -11.84
C ARG E 72 5.51 6.22 -11.49
N ASP E 73 5.63 7.07 -12.51
CA ASP E 73 5.82 8.51 -12.35
C ASP E 73 4.69 9.22 -13.08
N ASN E 74 3.75 9.77 -12.31
CA ASN E 74 2.54 10.37 -12.89
C ASN E 74 2.82 11.70 -13.58
N ALA E 75 3.74 12.50 -13.06
CA ALA E 75 4.07 13.78 -13.71
C ALA E 75 4.70 13.54 -15.08
N LYS E 76 5.45 12.45 -15.23
CA LYS E 76 6.05 12.11 -16.52
C LYS E 76 5.19 11.14 -17.32
N ASN E 77 4.01 10.75 -16.81
CA ASN E 77 3.10 9.84 -17.49
C ASN E 77 3.78 8.53 -17.89
N SER E 78 4.59 8.00 -16.98
CA SER E 78 5.36 6.81 -17.31
C SER E 78 5.19 5.72 -16.27
N LEU E 79 5.33 4.49 -16.76
CA LEU E 79 5.27 3.27 -15.98
C LEU E 79 6.64 2.61 -16.06
N TYR E 80 7.09 1.97 -14.97
CA TYR E 80 8.39 1.33 -14.91
C TYR E 80 8.26 -0.07 -14.36
N LEU E 81 9.14 -0.94 -14.84
CA LEU E 81 9.33 -2.27 -14.25
C LEU E 81 10.82 -2.48 -14.03
N GLN E 82 11.24 -2.61 -12.78
CA GLN E 82 12.61 -2.95 -12.43
C GLN E 82 12.69 -4.46 -12.22
N MET E 83 13.42 -5.14 -13.08
CA MET E 83 13.60 -6.57 -12.98
C MET E 83 14.98 -6.84 -12.40
N ASN E 84 15.04 -7.83 -11.50
CA ASN E 84 16.25 -8.18 -10.77
C ASN E 84 16.47 -9.68 -10.85
N SER E 85 17.73 -10.09 -10.72
CA SER E 85 18.10 -11.51 -10.73
C SER E 85 17.40 -12.25 -11.85
N LEU E 86 17.59 -11.75 -13.06
CA LEU E 86 16.89 -12.31 -14.22
C LEU E 86 17.35 -13.75 -14.49
N ARG E 87 16.42 -14.56 -14.97
CA ARG E 87 16.69 -15.92 -15.37
C ARG E 87 16.32 -16.07 -16.84
N ALA E 88 16.71 -17.20 -17.43
CA ALA E 88 16.44 -17.41 -18.86
C ALA E 88 14.94 -17.51 -19.13
N GLU E 89 14.20 -18.01 -18.15
CA GLU E 89 12.74 -18.12 -18.21
C GLU E 89 12.02 -16.78 -18.09
N ASP E 90 12.74 -15.69 -17.84
CA ASP E 90 12.17 -14.34 -17.94
C ASP E 90 12.27 -13.77 -19.35
N THR E 91 12.81 -14.53 -20.29
CA THR E 91 12.92 -14.06 -21.67
C THR E 91 11.52 -13.98 -22.28
N ALA E 92 11.13 -12.78 -22.69
CA ALA E 92 9.76 -12.62 -23.18
C ALA E 92 9.60 -11.23 -23.81
N VAL E 93 8.52 -11.09 -24.56
CA VAL E 93 8.02 -9.77 -24.94
C VAL E 93 7.24 -9.26 -23.74
N TYR E 94 7.62 -8.08 -23.26
CA TYR E 94 6.95 -7.44 -22.14
C TYR E 94 6.06 -6.32 -22.68
N TYR E 95 4.75 -6.49 -22.52
CA TYR E 95 3.76 -5.51 -22.89
C TYR E 95 3.40 -4.64 -21.70
N CYS E 96 3.20 -3.37 -21.97
CA CYS E 96 2.63 -2.40 -21.05
C CYS E 96 1.17 -2.21 -21.42
N ALA E 97 0.26 -2.33 -20.44
CA ALA E 97 -1.15 -2.17 -20.75
C ALA E 97 -1.87 -1.33 -19.70
N ARG E 98 -2.93 -0.64 -20.14
CA ARG E 98 -3.76 0.22 -19.29
C ARG E 98 -5.08 -0.48 -18.98
N ALA E 99 -5.55 -0.33 -17.75
CA ALA E 99 -6.89 -0.80 -17.45
C ALA E 99 -7.91 0.00 -18.23
N ARG E 100 -8.84 -0.68 -18.91
CA ARG E 100 -9.79 0.03 -19.76
C ARG E 100 -10.62 1.02 -18.96
N GLY E 101 -11.10 0.61 -17.79
CA GLY E 101 -11.79 1.50 -16.88
C GLY E 101 -10.81 2.14 -15.90
N SER E 102 -11.07 3.40 -15.57
CA SER E 102 -10.26 4.10 -14.58
C SER E 102 -10.77 3.73 -13.20
N SER E 103 -9.86 3.16 -12.39
CA SER E 103 -10.21 2.66 -11.07
C SER E 103 -9.02 2.87 -10.14
N GLY E 104 -8.11 3.76 -10.51
CA GLY E 104 -6.80 3.83 -9.92
C GLY E 104 -6.73 4.41 -8.52
N TRP E 105 -7.72 5.18 -8.09
CA TRP E 105 -7.55 5.92 -6.83
C TRP E 105 -7.67 5.04 -5.61
N TYR E 106 -8.19 3.82 -5.72
CA TYR E 106 -8.44 3.00 -4.54
C TYR E 106 -7.78 1.64 -4.67
N ARG E 107 -7.53 1.06 -3.51
CA ARG E 107 -6.99 -0.29 -3.43
C ARG E 107 -8.05 -1.31 -3.76
N ILE E 108 -9.33 -0.92 -3.68
CA ILE E 108 -10.43 -1.76 -4.14
C ILE E 108 -10.63 -1.69 -5.64
N GLY E 109 -10.05 -0.68 -6.30
CA GLY E 109 -10.27 -0.52 -7.72
C GLY E 109 -9.67 -1.62 -8.57
N THR E 110 -8.90 -2.53 -7.97
CA THR E 110 -8.45 -3.70 -8.73
C THR E 110 -9.65 -4.50 -9.24
N ARG E 111 -10.79 -4.41 -8.54
CA ARG E 111 -11.98 -5.10 -9.03
C ARG E 111 -12.40 -4.60 -10.40
N TRP E 112 -12.28 -3.29 -10.63
CA TRP E 112 -12.68 -2.72 -11.91
C TRP E 112 -11.48 -2.31 -12.76
N GLY E 113 -10.30 -2.87 -12.47
CA GLY E 113 -9.12 -2.55 -13.24
C GLY E 113 -8.41 -3.78 -13.74
N ASN E 114 -9.16 -4.87 -13.98
CA ASN E 114 -8.55 -6.15 -14.31
C ASN E 114 -8.79 -6.58 -15.74
N TRP E 115 -9.41 -5.73 -16.57
CA TRP E 115 -9.49 -5.94 -18.02
C TRP E 115 -8.75 -4.81 -18.71
N PHE E 116 -7.91 -5.13 -19.69
CA PHE E 116 -6.90 -4.18 -20.16
C PHE E 116 -7.09 -3.77 -21.62
N ASP E 117 -7.09 -2.45 -21.85
CA ASP E 117 -7.19 -1.82 -23.16
C ASP E 117 -6.94 -0.34 -23.00
N PRO E 118 -6.03 0.27 -23.77
CA PRO E 118 -5.14 -0.29 -24.81
C PRO E 118 -3.91 -1.04 -24.29
N TRP E 119 -3.21 -1.70 -25.20
CA TRP E 119 -1.94 -2.38 -24.95
C TRP E 119 -0.85 -1.65 -25.72
N GLY E 120 0.39 -1.75 -25.25
CA GLY E 120 1.52 -1.23 -26.01
C GLY E 120 1.99 -2.24 -27.02
N GLN E 121 3.08 -1.87 -27.72
CA GLN E 121 3.60 -2.75 -28.75
C GLN E 121 4.46 -3.89 -28.20
N GLY E 122 5.07 -3.71 -27.02
CA GLY E 122 5.89 -4.71 -26.39
C GLY E 122 7.38 -4.49 -26.61
N THR E 123 8.19 -5.03 -25.68
CA THR E 123 9.64 -4.95 -25.75
C THR E 123 10.23 -6.32 -25.50
N LEU E 124 11.14 -6.76 -26.35
CA LEU E 124 11.73 -8.08 -26.16
C LEU E 124 12.91 -8.02 -25.18
N VAL E 125 12.87 -8.90 -24.19
CA VAL E 125 13.93 -9.03 -23.21
C VAL E 125 14.47 -10.45 -23.33
N THR E 126 15.77 -10.57 -23.56
CA THR E 126 16.44 -11.84 -23.71
C THR E 126 17.46 -11.93 -22.58
N VAL E 127 17.36 -12.97 -21.77
CA VAL E 127 18.31 -13.22 -20.70
C VAL E 127 19.14 -14.40 -21.12
N SER E 128 20.38 -14.12 -21.50
CA SER E 128 21.25 -15.14 -22.06
C SER E 128 22.66 -14.77 -21.66
N SER E 129 23.50 -15.79 -21.48
CA SER E 129 24.89 -15.48 -21.22
C SER E 129 25.65 -15.19 -22.49
N ALA E 130 25.06 -15.50 -23.66
CA ALA E 130 25.72 -15.18 -24.92
C ALA E 130 25.82 -13.68 -25.11
N SER E 131 26.67 -13.28 -26.05
CA SER E 131 26.98 -11.89 -26.30
C SER E 131 26.43 -11.49 -27.66
N THR E 132 26.17 -10.20 -27.81
CA THR E 132 25.46 -9.74 -28.99
C THR E 132 26.35 -9.80 -30.22
N LYS E 133 25.82 -10.38 -31.30
CA LYS E 133 26.50 -10.47 -32.57
C LYS E 133 25.76 -9.58 -33.57
N GLY E 134 26.50 -8.70 -34.23
CA GLY E 134 25.94 -7.84 -35.24
C GLY E 134 25.75 -8.59 -36.55
N PRO E 135 24.76 -8.22 -37.33
CA PRO E 135 24.47 -8.99 -38.55
C PRO E 135 25.27 -8.51 -39.76
N SER E 136 25.53 -9.45 -40.67
CA SER E 136 26.05 -9.13 -41.99
C SER E 136 24.89 -9.09 -42.98
N VAL E 137 24.82 -8.03 -43.77
CA VAL E 137 23.67 -7.77 -44.62
C VAL E 137 24.11 -7.85 -46.07
N PHE E 138 23.54 -8.80 -46.80
CA PHE E 138 23.90 -8.97 -48.19
C PHE E 138 22.68 -8.81 -49.11
N PRO E 139 22.88 -8.40 -50.36
CA PRO E 139 21.74 -8.27 -51.26
C PRO E 139 21.43 -9.62 -51.90
N LEU E 140 20.15 -9.81 -52.19
CA LEU E 140 19.65 -11.00 -52.86
C LEU E 140 19.16 -10.53 -54.22
N ALA E 141 20.02 -10.70 -55.27
CA ALA E 141 19.61 -9.99 -56.46
C ALA E 141 18.77 -10.90 -57.36
N PRO E 142 17.83 -10.29 -58.11
CA PRO E 142 16.90 -10.98 -59.02
C PRO E 142 17.51 -11.37 -60.36
N THR E 147 14.11 -13.43 -64.07
CA THR E 147 14.19 -12.91 -65.44
C THR E 147 12.95 -13.36 -66.24
N SER E 148 11.76 -13.11 -65.69
CA SER E 148 10.48 -13.53 -66.28
C SER E 148 9.26 -12.91 -65.60
N THR E 151 6.92 -11.82 -61.53
CA THR E 151 7.29 -10.43 -61.28
C THR E 151 8.70 -10.36 -60.70
N ALA E 152 9.03 -9.22 -60.09
CA ALA E 152 10.34 -9.01 -59.49
C ALA E 152 10.37 -9.54 -58.07
N ALA E 153 11.38 -10.34 -57.75
CA ALA E 153 11.63 -10.75 -56.38
C ALA E 153 13.08 -10.44 -56.04
N LEU E 154 13.29 -9.50 -55.12
CA LEU E 154 14.65 -9.18 -54.70
C LEU E 154 14.68 -9.01 -53.20
N GLY E 155 15.84 -9.18 -52.59
CA GLY E 155 15.83 -9.08 -51.15
C GLY E 155 17.08 -8.67 -50.43
N CYS E 156 17.01 -8.78 -49.10
CA CYS E 156 18.15 -8.57 -48.22
C CYS E 156 18.26 -9.77 -47.31
N LEU E 157 19.47 -10.28 -47.16
CA LEU E 157 19.76 -11.35 -46.23
C LEU E 157 20.47 -10.77 -45.01
N VAL E 158 19.82 -10.83 -43.85
CA VAL E 158 20.40 -10.41 -42.59
C VAL E 158 20.91 -11.68 -41.92
N LYS E 159 22.22 -11.76 -41.71
CA LYS E 159 22.88 -13.02 -41.44
C LYS E 159 23.65 -12.93 -40.12
N ASP E 160 23.55 -14.00 -39.35
CA ASP E 160 24.35 -14.23 -38.13
C ASP E 160 24.33 -13.03 -37.18
N TYR E 161 23.19 -12.89 -36.52
CA TYR E 161 23.03 -11.88 -35.48
C TYR E 161 22.50 -12.52 -34.21
N PHE E 162 22.65 -11.78 -33.10
CA PHE E 162 22.11 -12.20 -31.80
C PHE E 162 22.02 -11.00 -30.88
N PRO E 163 20.95 -10.86 -30.09
CA PRO E 163 19.80 -11.76 -30.12
C PRO E 163 18.73 -11.16 -31.05
N GLU E 164 17.50 -11.67 -31.02
CA GLU E 164 16.39 -10.95 -31.63
C GLU E 164 16.21 -9.62 -30.91
N PRO E 165 15.57 -8.63 -31.54
CA PRO E 165 14.99 -8.68 -32.89
C PRO E 165 15.80 -7.88 -33.88
N VAL E 166 15.49 -8.08 -35.14
CA VAL E 166 16.02 -7.26 -36.22
C VAL E 166 14.84 -6.62 -36.93
N THR E 167 15.02 -5.39 -37.36
CA THR E 167 13.97 -4.71 -38.08
C THR E 167 14.50 -4.35 -39.46
N VAL E 168 13.72 -4.67 -40.49
CA VAL E 168 14.08 -4.40 -41.87
C VAL E 168 12.99 -3.52 -42.46
N SER E 169 13.40 -2.54 -43.26
CA SER E 169 12.43 -1.75 -44.01
C SER E 169 13.05 -1.42 -45.36
N TRP E 170 12.24 -0.90 -46.28
CA TRP E 170 12.69 -0.65 -47.64
C TRP E 170 12.49 0.81 -48.01
N ASN E 171 13.56 1.44 -48.49
CA ASN E 171 13.56 2.86 -48.82
C ASN E 171 12.93 3.68 -47.68
N SER E 172 13.53 3.52 -46.49
CA SER E 172 13.10 4.14 -45.24
C SER E 172 11.64 3.86 -44.90
N GLY E 173 11.08 2.77 -45.43
CA GLY E 173 9.68 2.46 -45.24
C GLY E 173 8.74 3.26 -46.11
N ALA E 174 9.23 3.85 -47.19
CA ALA E 174 8.35 4.40 -48.18
C ALA E 174 7.88 3.33 -49.15
N LEU E 175 8.59 2.22 -49.20
CA LEU E 175 8.19 1.06 -49.98
C LEU E 175 7.64 -0.01 -49.05
N THR E 176 6.33 -0.23 -49.08
CA THR E 176 5.72 -1.34 -48.36
C THR E 176 5.08 -2.38 -49.26
N SER E 177 4.34 -1.92 -50.28
CA SER E 177 3.63 -2.80 -51.20
C SER E 177 4.55 -3.90 -51.73
N GLY E 178 4.26 -5.15 -51.37
CA GLY E 178 5.04 -6.26 -51.86
C GLY E 178 6.20 -6.69 -50.99
N VAL E 179 6.20 -6.33 -49.71
CA VAL E 179 7.29 -6.64 -48.80
C VAL E 179 6.86 -7.80 -47.91
N HIS E 180 7.71 -8.82 -47.83
CA HIS E 180 7.54 -9.91 -46.87
C HIS E 180 8.88 -10.08 -46.15
N THR E 181 8.90 -9.74 -44.87
CA THR E 181 10.07 -10.02 -44.05
C THR E 181 9.87 -11.39 -43.42
N PHE E 182 10.76 -12.32 -43.70
CA PHE E 182 10.46 -13.66 -43.24
C PHE E 182 10.87 -13.84 -41.78
N PRO E 183 10.18 -14.70 -41.05
CA PRO E 183 10.61 -14.99 -39.67
C PRO E 183 12.01 -15.58 -39.66
N ALA E 184 12.78 -15.21 -38.65
CA ALA E 184 14.17 -15.61 -38.65
C ALA E 184 14.28 -17.11 -38.39
N VAL E 185 15.46 -17.63 -38.67
CA VAL E 185 15.80 -19.02 -38.41
C VAL E 185 16.81 -19.03 -37.28
N LEU E 186 16.68 -20.00 -36.38
CA LEU E 186 17.66 -20.20 -35.33
C LEU E 186 18.60 -21.34 -35.73
N GLN E 187 19.88 -21.02 -35.83
CA GLN E 187 20.90 -21.96 -36.29
C GLN E 187 21.41 -22.79 -35.11
N SER E 188 22.17 -23.84 -35.45
CA SER E 188 22.75 -24.69 -34.41
C SER E 188 23.74 -23.91 -33.55
N SER E 189 24.44 -22.93 -34.12
CA SER E 189 25.27 -22.01 -33.34
C SER E 189 24.47 -21.29 -32.27
N GLY E 190 23.17 -21.10 -32.48
CA GLY E 190 22.40 -20.21 -31.64
C GLY E 190 22.30 -18.80 -32.14
N LEU E 191 22.72 -18.55 -33.38
CA LEU E 191 22.59 -17.25 -34.00
C LEU E 191 21.39 -17.26 -34.95
N TYR E 192 20.95 -16.05 -35.32
CA TYR E 192 19.75 -15.88 -36.11
C TYR E 192 20.10 -15.33 -37.50
N SER E 193 19.33 -15.78 -38.49
CA SER E 193 19.35 -15.21 -39.83
C SER E 193 17.92 -15.07 -40.29
N LEU E 194 17.66 -14.02 -41.07
CA LEU E 194 16.37 -13.86 -41.72
C LEU E 194 16.60 -13.23 -43.09
N SER E 195 15.54 -13.26 -43.89
CA SER E 195 15.52 -12.69 -45.22
C SER E 195 14.33 -11.76 -45.35
N SER E 196 14.51 -10.65 -46.05
CA SER E 196 13.42 -9.76 -46.40
C SER E 196 13.33 -9.74 -47.92
N VAL E 197 12.13 -9.94 -48.43
CA VAL E 197 11.90 -10.04 -49.86
C VAL E 197 10.93 -8.95 -50.24
N VAL E 198 11.15 -8.37 -51.41
CA VAL E 198 10.19 -7.44 -51.99
C VAL E 198 9.79 -7.96 -53.36
N THR E 199 8.48 -8.04 -53.55
CA THR E 199 7.86 -8.37 -54.82
C THR E 199 7.57 -7.04 -55.50
N VAL E 200 8.24 -6.80 -56.60
CA VAL E 200 8.27 -5.49 -57.24
C VAL E 200 7.77 -5.70 -58.67
N PRO E 201 7.25 -4.64 -59.30
CA PRO E 201 6.90 -4.77 -60.72
C PRO E 201 8.16 -4.98 -61.55
N SER E 202 8.12 -6.00 -62.42
CA SER E 202 9.29 -6.30 -63.25
C SER E 202 9.63 -5.15 -64.19
N SER E 203 8.67 -4.25 -64.43
CA SER E 203 8.87 -3.08 -65.28
C SER E 203 9.76 -2.03 -64.62
N SER E 204 9.72 -1.90 -63.30
CA SER E 204 10.52 -0.91 -62.58
C SER E 204 11.92 -1.40 -62.23
N LEU E 205 12.34 -2.56 -62.76
CA LEU E 205 13.56 -3.21 -62.32
C LEU E 205 14.83 -2.41 -62.61
N GLY E 206 14.80 -1.49 -63.56
CA GLY E 206 16.03 -0.77 -63.88
C GLY E 206 15.94 0.70 -63.56
N THR E 207 14.73 1.26 -63.55
CA THR E 207 14.59 2.67 -63.29
C THR E 207 14.38 2.96 -61.81
N GLN E 208 13.63 2.10 -61.11
CA GLN E 208 13.37 2.26 -59.67
C GLN E 208 14.50 1.65 -58.85
N THR E 209 14.76 2.26 -57.69
CA THR E 209 15.85 1.87 -56.80
C THR E 209 15.32 1.21 -55.53
N TYR E 210 15.92 0.08 -55.15
CA TYR E 210 15.48 -0.69 -53.99
C TYR E 210 16.62 -0.81 -52.98
N ILE E 211 16.55 -0.03 -51.89
CA ILE E 211 17.55 -0.04 -50.83
C ILE E 211 16.88 -0.55 -49.56
N CYS E 212 17.52 -1.51 -48.88
CA CYS E 212 16.98 -2.10 -47.66
C CYS E 212 17.73 -1.57 -46.44
N ASN E 213 16.96 -1.16 -45.43
CA ASN E 213 17.44 -0.68 -44.15
C ASN E 213 17.38 -1.82 -43.15
N VAL E 214 18.49 -2.07 -42.47
CA VAL E 214 18.56 -3.06 -41.41
C VAL E 214 18.95 -2.33 -40.13
N ASN E 215 18.17 -2.55 -39.08
CA ASN E 215 18.51 -2.04 -37.75
C ASN E 215 18.47 -3.18 -36.75
N HIS E 216 19.55 -3.31 -35.99
CA HIS E 216 19.70 -4.27 -34.89
C HIS E 216 20.17 -3.43 -33.71
N LYS E 217 19.21 -3.06 -32.84
CA LYS E 217 19.52 -2.19 -31.72
C LYS E 217 20.54 -2.78 -30.74
N PRO E 218 20.47 -4.08 -30.36
CA PRO E 218 21.48 -4.62 -29.44
C PRO E 218 22.91 -4.39 -29.90
N SER E 219 23.09 -4.15 -31.20
CA SER E 219 24.41 -3.97 -31.78
C SER E 219 24.72 -2.53 -32.14
N ASN E 220 23.74 -1.64 -32.08
CA ASN E 220 23.84 -0.33 -32.72
C ASN E 220 24.23 -0.49 -34.19
N THR E 221 23.59 -1.45 -34.88
CA THR E 221 23.84 -1.71 -36.29
C THR E 221 22.73 -1.09 -37.12
N LYS E 222 23.05 -0.04 -37.89
CA LYS E 222 22.12 0.57 -38.84
C LYS E 222 22.81 0.55 -40.20
N VAL E 223 22.40 -0.38 -41.06
CA VAL E 223 23.04 -0.62 -42.35
C VAL E 223 22.02 -0.39 -43.47
N ASP E 224 22.48 0.22 -44.57
CA ASP E 224 21.69 0.38 -45.79
C ASP E 224 22.40 -0.36 -46.92
N LYS E 225 21.70 -1.30 -47.55
CA LYS E 225 22.26 -2.04 -48.68
C LYS E 225 21.39 -1.80 -49.90
N LYS E 226 22.00 -1.49 -51.03
CA LYS E 226 21.26 -1.28 -52.27
C LYS E 226 21.25 -2.56 -53.10
N VAL E 227 20.08 -2.91 -53.64
CA VAL E 227 19.87 -4.18 -54.34
C VAL E 227 19.58 -3.87 -55.79
N GLU E 228 20.46 -4.31 -56.68
CA GLU E 228 20.35 -4.12 -58.10
C GLU E 228 20.66 -5.47 -58.76
N PRO E 229 20.22 -5.66 -59.99
CA PRO E 229 20.56 -6.92 -60.68
C PRO E 229 22.03 -6.90 -61.08
N LYS E 230 22.59 -8.09 -61.28
CA LYS E 230 24.00 -8.22 -61.66
C LYS E 230 24.17 -8.45 -63.16
N ALA F 3 -2.40 -20.80 -15.44
CA ALA F 3 -3.08 -21.43 -14.31
C ALA F 3 -4.52 -21.77 -14.67
N LEU F 4 -5.16 -20.95 -15.46
CA LEU F 4 -6.47 -21.32 -15.98
C LEU F 4 -6.22 -22.24 -17.18
N THR F 5 -6.97 -23.32 -17.26
CA THR F 5 -6.73 -24.34 -18.27
C THR F 5 -7.68 -24.11 -19.44
N GLN F 6 -7.10 -23.91 -20.62
CA GLN F 6 -7.84 -23.75 -21.86
C GLN F 6 -7.56 -24.91 -22.79
N PRO F 7 -8.47 -25.19 -23.73
CA PRO F 7 -8.15 -26.17 -24.77
C PRO F 7 -7.04 -25.65 -25.67
N ALA F 8 -6.13 -26.55 -26.05
CA ALA F 8 -5.00 -26.13 -26.89
C ALA F 8 -5.47 -25.71 -28.28
N SER F 9 -6.48 -26.39 -28.83
CA SER F 9 -6.96 -26.11 -30.18
C SER F 9 -8.47 -26.22 -30.21
N VAL F 10 -9.09 -25.47 -31.13
CA VAL F 10 -10.50 -25.59 -31.41
C VAL F 10 -10.69 -25.38 -32.91
N SER F 11 -11.73 -25.97 -33.47
CA SER F 11 -11.98 -25.81 -34.89
C SER F 11 -13.47 -25.81 -35.17
N GLY F 12 -13.88 -24.88 -36.03
CA GLY F 12 -15.26 -24.82 -36.48
C GLY F 12 -15.28 -24.48 -37.96
N SER F 13 -16.44 -24.78 -38.60
CA SER F 13 -16.65 -24.46 -40.01
C SER F 13 -17.16 -23.03 -40.17
N PRO F 14 -16.86 -22.37 -41.28
CA PRO F 14 -17.30 -20.97 -41.46
C PRO F 14 -18.82 -20.85 -41.38
N GLY F 15 -19.27 -19.74 -40.82
CA GLY F 15 -20.67 -19.46 -40.66
C GLY F 15 -21.30 -20.06 -39.41
N GLN F 16 -20.66 -21.06 -38.81
CA GLN F 16 -21.21 -21.74 -37.64
C GLN F 16 -20.61 -21.16 -36.36
N SER F 17 -21.06 -21.67 -35.21
CA SER F 17 -20.65 -21.18 -33.90
C SER F 17 -19.69 -22.16 -33.25
N ILE F 18 -18.71 -21.62 -32.51
CA ILE F 18 -17.72 -22.43 -31.79
C ILE F 18 -17.54 -21.87 -30.38
N THR F 19 -17.28 -22.77 -29.43
CA THR F 19 -17.14 -22.41 -28.02
C THR F 19 -15.76 -22.80 -27.50
N ILE F 20 -15.16 -21.91 -26.69
CA ILE F 20 -13.87 -22.12 -26.05
C ILE F 20 -14.03 -22.10 -24.53
N SER F 21 -13.56 -23.16 -23.88
CA SER F 21 -13.66 -23.30 -22.43
C SER F 21 -12.47 -22.65 -21.73
N CYS F 22 -12.72 -22.17 -20.52
CA CYS F 22 -11.69 -21.59 -19.65
C CYS F 22 -11.96 -22.07 -18.24
N THR F 23 -11.18 -23.02 -17.73
CA THR F 23 -11.46 -23.62 -16.43
C THR F 23 -10.51 -23.07 -15.38
N GLY F 24 -11.09 -22.56 -14.29
CA GLY F 24 -10.32 -22.05 -13.17
C GLY F 24 -10.74 -22.72 -11.87
N THR F 25 -10.63 -22.00 -10.74
CA THR F 25 -11.01 -22.57 -9.44
C THR F 25 -11.97 -21.66 -8.70
N SER F 26 -12.30 -22.02 -7.46
CA SER F 26 -13.16 -21.22 -6.60
C SER F 26 -12.57 -19.83 -6.36
N SER F 27 -11.25 -19.74 -6.20
CA SER F 27 -10.62 -18.48 -5.86
C SER F 27 -10.48 -17.52 -7.03
N ASP F 28 -10.82 -17.92 -8.25
CA ASP F 28 -10.74 -16.98 -9.36
C ASP F 28 -12.02 -16.95 -10.18
N VAL F 29 -12.12 -17.79 -11.22
CA VAL F 29 -13.27 -17.68 -12.11
C VAL F 29 -14.57 -17.94 -11.35
N GLY F 30 -14.58 -18.91 -10.45
CA GLY F 30 -15.80 -19.18 -9.71
C GLY F 30 -16.11 -18.20 -8.61
N GLY F 31 -15.11 -17.44 -8.16
CA GLY F 31 -15.31 -16.50 -7.07
C GLY F 31 -15.78 -15.12 -7.48
N TYR F 32 -15.49 -14.73 -8.72
CA TYR F 32 -15.82 -13.39 -9.19
C TYR F 32 -16.47 -13.46 -10.55
N ASN F 33 -17.06 -12.34 -10.95
CA ASN F 33 -17.63 -12.18 -12.27
C ASN F 33 -16.77 -11.20 -13.06
N TYR F 34 -15.46 -11.46 -13.06
CA TYR F 34 -14.47 -10.58 -13.67
C TYR F 34 -13.62 -11.44 -14.57
N VAL F 35 -14.23 -11.94 -15.64
CA VAL F 35 -13.55 -12.79 -16.61
C VAL F 35 -13.45 -12.04 -17.93
N SER F 36 -12.22 -11.95 -18.46
CA SER F 36 -11.93 -11.23 -19.69
C SER F 36 -11.46 -12.19 -20.77
N TRP F 37 -11.73 -11.83 -22.03
CA TRP F 37 -11.28 -12.57 -23.20
C TRP F 37 -10.54 -11.62 -24.13
N TYR F 38 -9.37 -12.08 -24.61
CA TYR F 38 -8.53 -11.36 -25.55
C TYR F 38 -8.28 -12.21 -26.79
N GLN F 39 -8.31 -11.59 -27.97
CA GLN F 39 -7.83 -12.26 -29.19
C GLN F 39 -6.48 -11.68 -29.59
N GLN F 40 -5.60 -12.56 -30.06
CA GLN F 40 -4.26 -12.17 -30.50
C GLN F 40 -3.97 -12.77 -31.87
N HIS F 41 -3.64 -11.91 -32.82
CA HIS F 41 -3.18 -12.33 -34.13
C HIS F 41 -1.65 -12.41 -34.16
N PRO F 42 -1.09 -13.18 -35.09
CA PRO F 42 0.37 -13.29 -35.19
C PRO F 42 1.05 -11.93 -35.30
N GLY F 43 2.08 -11.71 -34.45
CA GLY F 43 2.87 -10.50 -34.46
C GLY F 43 2.16 -9.24 -33.99
N LYS F 44 1.02 -9.38 -33.32
CA LYS F 44 0.26 -8.23 -32.83
C LYS F 44 0.00 -8.37 -31.35
N ALA F 45 -0.35 -7.27 -30.72
CA ALA F 45 -0.67 -7.32 -29.30
C ALA F 45 -2.10 -7.81 -29.10
N PRO F 46 -2.40 -8.35 -27.92
CA PRO F 46 -3.76 -8.82 -27.67
C PRO F 46 -4.76 -7.68 -27.69
N LYS F 47 -5.99 -8.02 -27.99
CA LYS F 47 -7.09 -7.07 -28.10
C LYS F 47 -8.23 -7.58 -27.22
N LEU F 48 -8.73 -6.72 -26.35
CA LEU F 48 -9.81 -7.14 -25.46
C LEU F 48 -11.09 -7.36 -26.25
N MET F 49 -11.69 -8.55 -26.09
CA MET F 49 -13.00 -8.83 -26.69
C MET F 49 -14.10 -8.84 -25.66
N ILE F 50 -13.86 -9.35 -24.45
CA ILE F 50 -14.93 -9.48 -23.46
C ILE F 50 -14.40 -9.12 -22.08
N TYR F 51 -15.22 -8.45 -21.27
CA TYR F 51 -14.87 -8.21 -19.88
C TYR F 51 -16.08 -8.38 -18.99
N GLU F 52 -15.82 -8.57 -17.68
CA GLU F 52 -16.88 -8.82 -16.70
C GLU F 52 -17.78 -9.97 -17.16
N VAL F 53 -17.14 -11.05 -17.64
CA VAL F 53 -17.77 -12.27 -18.11
C VAL F 53 -18.47 -12.11 -19.46
N SER F 54 -19.38 -11.15 -19.58
CA SER F 54 -20.20 -11.06 -20.78
C SER F 54 -20.26 -9.72 -21.48
N ASN F 55 -19.67 -8.67 -20.91
CA ASN F 55 -19.77 -7.34 -21.53
C ASN F 55 -18.76 -7.19 -22.66
N ARG F 56 -19.16 -6.50 -23.70
CA ARG F 56 -18.32 -6.27 -24.85
C ARG F 56 -17.87 -4.83 -24.89
N PRO F 57 -16.59 -4.57 -25.19
CA PRO F 57 -16.20 -3.19 -25.46
C PRO F 57 -17.04 -2.74 -26.63
N SER F 58 -17.17 -1.43 -26.78
CA SER F 58 -18.31 -0.93 -27.53
C SER F 58 -18.23 -1.33 -29.00
N GLY F 59 -17.03 -1.28 -29.58
CA GLY F 59 -16.89 -1.61 -31.00
C GLY F 59 -16.92 -3.09 -31.31
N VAL F 60 -16.55 -3.95 -30.35
CA VAL F 60 -16.39 -5.37 -30.62
C VAL F 60 -17.69 -5.95 -31.16
N SER F 61 -17.56 -6.76 -32.21
CA SER F 61 -18.68 -7.37 -32.91
C SER F 61 -19.58 -8.19 -31.98
N ASN F 62 -20.87 -8.25 -32.34
CA ASN F 62 -21.86 -8.95 -31.54
C ASN F 62 -21.78 -10.47 -31.69
N ARG F 63 -20.90 -10.96 -32.55
CA ARG F 63 -20.72 -12.40 -32.73
C ARG F 63 -19.96 -13.04 -31.58
N PHE F 64 -19.25 -12.25 -30.77
CA PHE F 64 -18.50 -12.77 -29.64
C PHE F 64 -19.32 -12.59 -28.38
N SER F 65 -19.46 -13.66 -27.60
CA SER F 65 -20.22 -13.53 -26.37
C SER F 65 -19.61 -14.41 -25.29
N GLY F 66 -19.84 -14.02 -24.05
CA GLY F 66 -19.25 -14.70 -22.91
C GLY F 66 -20.28 -15.20 -21.91
N SER F 67 -19.99 -16.36 -21.33
CA SER F 67 -20.88 -17.03 -20.40
C SER F 67 -20.01 -17.61 -19.30
N LYS F 68 -20.61 -17.87 -18.14
CA LYS F 68 -19.87 -18.50 -17.06
C LYS F 68 -20.80 -19.44 -16.30
N SER F 69 -20.24 -20.54 -15.80
CA SER F 69 -21.04 -21.48 -15.02
C SER F 69 -20.10 -22.29 -14.14
N GLY F 70 -20.21 -22.10 -12.83
CA GLY F 70 -19.27 -22.75 -11.94
C GLY F 70 -17.89 -22.15 -12.09
N ASN F 71 -16.88 -23.03 -12.17
CA ASN F 71 -15.49 -22.61 -12.27
C ASN F 71 -14.96 -22.58 -13.70
N THR F 72 -15.85 -22.59 -14.69
CA THR F 72 -15.46 -22.60 -16.09
C THR F 72 -16.23 -21.54 -16.85
N ALA F 73 -15.52 -20.60 -17.45
CA ALA F 73 -16.09 -19.59 -18.31
C ALA F 73 -16.04 -20.08 -19.76
N SER F 74 -16.86 -19.48 -20.61
CA SER F 74 -16.98 -19.86 -22.00
C SER F 74 -16.99 -18.63 -22.90
N LEU F 75 -16.22 -18.70 -23.98
CA LEU F 75 -16.26 -17.71 -25.06
C LEU F 75 -16.85 -18.38 -26.28
N THR F 76 -17.93 -17.83 -26.83
CA THR F 76 -18.50 -18.40 -28.04
C THR F 76 -18.45 -17.37 -29.16
N ILE F 77 -18.03 -17.85 -30.34
CA ILE F 77 -17.89 -17.05 -31.54
C ILE F 77 -18.91 -17.57 -32.54
N SER F 78 -19.94 -16.77 -32.82
CA SER F 78 -20.96 -17.12 -33.78
C SER F 78 -20.59 -16.58 -35.15
N GLY F 79 -21.08 -17.25 -36.18
CA GLY F 79 -20.77 -16.93 -37.57
C GLY F 79 -19.29 -16.87 -37.86
N LEU F 80 -18.61 -18.00 -37.66
CA LEU F 80 -17.16 -18.05 -37.83
C LEU F 80 -16.73 -17.53 -39.19
N GLN F 81 -15.65 -16.76 -39.20
CA GLN F 81 -15.02 -16.32 -40.44
C GLN F 81 -13.53 -16.60 -40.40
N ALA F 82 -12.92 -16.56 -41.59
CA ALA F 82 -11.51 -16.91 -41.69
C ALA F 82 -10.64 -15.97 -40.87
N GLU F 83 -10.99 -14.68 -40.85
CA GLU F 83 -10.19 -13.70 -40.11
C GLU F 83 -10.33 -13.84 -38.60
N ASP F 84 -11.17 -14.75 -38.12
CA ASP F 84 -11.29 -15.01 -36.69
C ASP F 84 -10.24 -16.00 -36.21
N GLU F 85 -9.41 -16.53 -37.10
CA GLU F 85 -8.33 -17.42 -36.71
C GLU F 85 -7.28 -16.61 -35.95
N ALA F 86 -7.10 -16.95 -34.69
CA ALA F 86 -6.17 -16.25 -33.80
C ALA F 86 -6.03 -17.09 -32.54
N ASP F 87 -5.23 -16.60 -31.59
CA ASP F 87 -5.17 -17.20 -30.27
C ASP F 87 -6.16 -16.49 -29.36
N TYR F 88 -6.84 -17.26 -28.51
CA TYR F 88 -7.80 -16.68 -27.60
C TYR F 88 -7.41 -17.00 -26.16
N TYR F 89 -7.39 -15.96 -25.33
CA TYR F 89 -6.95 -16.04 -23.95
C TYR F 89 -8.02 -15.54 -23.01
N CYS F 90 -8.24 -16.26 -21.93
CA CYS F 90 -9.11 -15.79 -20.86
C CYS F 90 -8.25 -15.38 -19.67
N SER F 91 -8.74 -14.40 -18.94
CA SER F 91 -8.11 -13.94 -17.71
C SER F 91 -9.19 -13.80 -16.65
N SER F 92 -8.78 -13.87 -15.40
CA SER F 92 -9.72 -13.61 -14.32
C SER F 92 -9.02 -12.96 -13.14
N TYR F 93 -9.84 -12.23 -12.38
CA TYR F 93 -9.45 -11.65 -11.13
C TYR F 93 -9.39 -12.78 -10.11
N THR F 94 -8.46 -12.67 -9.16
CA THR F 94 -8.34 -13.73 -8.16
C THR F 94 -8.63 -13.20 -6.76
N SER F 95 -8.86 -14.14 -5.83
CA SER F 95 -9.01 -13.80 -4.42
C SER F 95 -7.80 -13.05 -3.86
N SER F 96 -6.62 -13.22 -4.45
CA SER F 96 -5.44 -12.50 -3.99
C SER F 96 -5.29 -11.17 -4.70
N SER F 97 -6.34 -10.74 -5.40
CA SER F 97 -6.34 -9.52 -6.18
C SER F 97 -5.24 -9.50 -7.25
N ASN F 98 -4.96 -10.66 -7.84
CA ASN F 98 -4.18 -10.74 -9.06
C ASN F 98 -5.12 -10.86 -10.24
N VAL F 99 -4.53 -10.93 -11.42
CA VAL F 99 -5.19 -11.37 -12.65
C VAL F 99 -4.39 -12.56 -13.12
N VAL F 100 -5.06 -13.66 -13.48
CA VAL F 100 -4.39 -14.83 -14.00
C VAL F 100 -4.94 -15.16 -15.37
N PHE F 101 -4.08 -15.62 -16.27
CA PHE F 101 -4.45 -15.94 -17.65
C PHE F 101 -4.54 -17.44 -17.90
N GLY F 102 -5.30 -17.79 -18.94
CA GLY F 102 -5.32 -19.15 -19.44
C GLY F 102 -4.19 -19.42 -20.41
N GLY F 103 -4.05 -20.70 -20.78
CA GLY F 103 -2.98 -21.11 -21.67
C GLY F 103 -3.15 -20.65 -23.09
N GLY F 104 -4.34 -20.21 -23.45
CA GLY F 104 -4.61 -19.76 -24.79
C GLY F 104 -5.10 -20.89 -25.67
N THR F 105 -5.84 -20.51 -26.70
CA THR F 105 -6.45 -21.47 -27.62
C THR F 105 -6.27 -20.97 -29.04
N MET F 106 -5.62 -21.78 -29.88
CA MET F 106 -5.54 -21.50 -31.31
C MET F 106 -6.83 -21.95 -31.96
N LEU F 107 -7.57 -21.01 -32.54
CA LEU F 107 -8.82 -21.32 -33.23
C LEU F 107 -8.57 -21.54 -34.71
N THR F 108 -8.94 -22.72 -35.21
CA THR F 108 -8.81 -23.05 -36.63
C THR F 108 -10.17 -22.95 -37.29
N VAL F 109 -10.22 -22.27 -38.44
CA VAL F 109 -11.42 -22.21 -39.25
C VAL F 109 -11.27 -23.20 -40.40
N LEU F 110 -12.12 -24.22 -40.40
CA LEU F 110 -12.02 -25.35 -41.32
C LEU F 110 -12.50 -24.95 -42.71
N GLY F 111 -12.19 -25.82 -43.67
CA GLY F 111 -12.67 -25.65 -45.02
C GLY F 111 -11.99 -24.55 -45.80
N GLN F 112 -10.87 -24.10 -45.36
CA GLN F 112 -10.22 -23.06 -46.13
C GLN F 112 -9.54 -23.68 -47.35
N PRO F 113 -9.51 -22.98 -48.49
CA PRO F 113 -9.00 -23.59 -49.72
C PRO F 113 -7.51 -23.87 -49.63
N LYS F 114 -7.11 -25.01 -50.19
CA LYS F 114 -5.70 -25.33 -50.31
C LYS F 114 -5.01 -24.42 -51.32
N ALA F 115 -3.72 -24.19 -51.09
CA ALA F 115 -2.89 -23.39 -51.98
C ALA F 115 -1.49 -23.98 -52.02
N ALA F 116 -0.90 -24.01 -53.23
CA ALA F 116 0.45 -24.47 -53.45
C ALA F 116 1.45 -23.37 -53.11
N PRO F 117 2.63 -23.73 -52.62
CA PRO F 117 3.60 -22.72 -52.19
C PRO F 117 4.27 -22.00 -53.35
N SER F 118 4.69 -20.77 -53.06
CA SER F 118 5.49 -19.97 -53.97
C SER F 118 6.92 -20.04 -53.43
N VAL F 119 7.75 -20.81 -54.12
CA VAL F 119 9.16 -20.99 -53.79
C VAL F 119 9.97 -20.01 -54.63
N THR F 120 10.95 -19.35 -54.02
CA THR F 120 11.83 -18.44 -54.77
C THR F 120 13.23 -18.61 -54.21
N LEU F 121 14.11 -19.19 -55.03
CA LEU F 121 15.47 -19.51 -54.61
C LEU F 121 16.44 -18.42 -55.04
N PHE F 122 17.36 -18.09 -54.14
CA PHE F 122 18.42 -17.11 -54.35
C PHE F 122 19.76 -17.81 -54.26
N PRO F 123 20.71 -17.38 -55.08
CA PRO F 123 22.04 -17.97 -55.04
C PRO F 123 22.91 -17.19 -54.07
N PRO F 124 24.13 -17.62 -53.83
CA PRO F 124 25.01 -16.79 -52.99
C PRO F 124 25.19 -15.41 -53.62
N SER F 125 25.27 -14.42 -52.74
CA SER F 125 25.52 -13.05 -53.18
C SER F 125 26.98 -12.91 -53.59
N SER F 126 27.23 -11.94 -54.47
CA SER F 126 28.61 -11.67 -54.88
C SER F 126 29.47 -11.25 -53.70
N GLU F 127 28.91 -10.43 -52.80
CA GLU F 127 29.67 -10.01 -51.62
C GLU F 127 29.95 -11.18 -50.67
N GLU F 128 28.97 -12.07 -50.48
CA GLU F 128 29.21 -13.20 -49.60
C GLU F 128 30.27 -14.13 -50.16
N LEU F 129 30.36 -14.21 -51.49
CA LEU F 129 31.42 -14.99 -52.10
C LEU F 129 32.75 -14.27 -52.02
N GLN F 130 32.73 -12.93 -52.11
CA GLN F 130 33.92 -12.13 -51.84
C GLN F 130 34.34 -12.20 -50.37
N ALA F 131 33.43 -12.62 -49.49
CA ALA F 131 33.78 -12.85 -48.09
C ALA F 131 34.05 -14.31 -47.79
N ASN F 132 34.25 -15.13 -48.81
CA ASN F 132 34.60 -16.54 -48.65
C ASN F 132 33.56 -17.29 -47.81
N LYS F 133 32.28 -17.04 -48.10
CA LYS F 133 31.19 -17.81 -47.52
C LYS F 133 30.06 -17.93 -48.54
N ALA F 134 29.24 -18.97 -48.42
CA ALA F 134 28.14 -19.15 -49.37
C ALA F 134 26.85 -19.55 -48.66
N THR F 135 25.77 -18.84 -48.94
CA THR F 135 24.45 -19.18 -48.42
C THR F 135 23.45 -19.07 -49.55
N LEU F 136 22.74 -20.15 -49.81
CA LEU F 136 21.68 -20.21 -50.79
C LEU F 136 20.37 -20.19 -50.02
N VAL F 137 19.44 -19.34 -50.46
CA VAL F 137 18.25 -18.99 -49.68
C VAL F 137 17.02 -19.50 -50.42
N CYS F 138 16.20 -20.33 -49.77
CA CYS F 138 14.97 -20.83 -50.38
C CYS F 138 13.80 -20.36 -49.53
N LEU F 139 12.94 -19.53 -50.12
CA LEU F 139 11.84 -18.93 -49.41
C LEU F 139 10.53 -19.50 -49.92
N ILE F 140 9.70 -19.98 -49.00
CA ILE F 140 8.45 -20.64 -49.31
C ILE F 140 7.33 -19.80 -48.73
N SER F 141 6.33 -19.46 -49.55
CA SER F 141 5.30 -18.59 -49.03
C SER F 141 3.95 -18.92 -49.63
N ASP F 142 2.92 -18.28 -49.07
CA ASP F 142 1.54 -18.35 -49.54
C ASP F 142 1.07 -19.79 -49.78
N PHE F 143 1.22 -20.63 -48.74
CA PHE F 143 0.78 -22.02 -48.83
C PHE F 143 -0.08 -22.36 -47.62
N TYR F 144 -1.06 -23.24 -47.85
CA TYR F 144 -1.99 -23.74 -46.83
C TYR F 144 -2.47 -25.07 -47.33
N PRO F 145 -2.57 -26.10 -46.47
CA PRO F 145 -2.29 -26.10 -45.04
C PRO F 145 -0.82 -25.92 -44.71
N GLY F 146 -0.54 -25.72 -43.43
CA GLY F 146 0.80 -25.37 -42.98
C GLY F 146 1.67 -26.55 -42.65
N ALA F 147 2.03 -27.33 -43.67
CA ALA F 147 2.96 -28.45 -43.49
C ALA F 147 3.69 -28.66 -44.80
N VAL F 148 5.00 -28.40 -44.80
CA VAL F 148 5.83 -28.60 -45.96
C VAL F 148 7.12 -29.28 -45.50
N THR F 149 7.75 -29.99 -46.42
CA THR F 149 9.05 -30.61 -46.17
C THR F 149 10.02 -30.10 -47.23
N VAL F 150 11.19 -29.65 -46.78
CA VAL F 150 12.20 -29.06 -47.66
C VAL F 150 13.38 -30.02 -47.77
N ALA F 151 13.79 -30.31 -49.01
CA ALA F 151 14.93 -31.16 -49.32
C ALA F 151 15.89 -30.41 -50.24
N TRP F 152 17.17 -30.52 -49.94
CA TRP F 152 18.22 -29.94 -50.77
C TRP F 152 18.91 -31.05 -51.54
N LYS F 153 19.02 -30.88 -52.85
CA LYS F 153 19.65 -31.91 -53.67
C LYS F 153 20.81 -31.38 -54.52
N ASP F 155 24.08 -31.44 -56.85
CA ASP F 155 23.88 -31.98 -58.20
C ASP F 155 22.99 -33.21 -58.18
N SER F 156 21.69 -32.98 -57.98
CA SER F 156 20.64 -33.98 -57.97
C SER F 156 20.87 -35.10 -56.95
N SER F 157 21.87 -34.97 -56.09
CA SER F 157 22.04 -35.91 -55.00
C SER F 157 21.78 -35.17 -53.69
N PRO F 158 21.14 -35.80 -52.71
CA PRO F 158 20.70 -35.03 -51.53
C PRO F 158 21.88 -34.50 -50.72
N VAL F 159 21.65 -33.33 -50.12
CA VAL F 159 22.59 -32.71 -49.20
C VAL F 159 21.87 -32.54 -47.88
N LYS F 160 22.48 -33.04 -46.80
CA LYS F 160 21.92 -32.91 -45.48
C LYS F 160 22.79 -32.07 -44.55
N ALA F 161 23.99 -31.69 -44.96
CA ALA F 161 24.89 -30.90 -44.13
C ALA F 161 24.73 -29.42 -44.44
N GLY F 162 24.56 -28.61 -43.38
CA GLY F 162 24.48 -27.17 -43.54
C GLY F 162 23.11 -26.65 -43.90
N VAL F 163 22.04 -27.37 -43.56
CA VAL F 163 20.68 -27.00 -43.90
C VAL F 163 20.06 -26.42 -42.64
N GLU F 164 19.40 -25.27 -42.75
CA GLU F 164 18.62 -24.73 -41.64
C GLU F 164 17.25 -24.36 -42.14
N THR F 165 16.22 -25.03 -41.63
CA THR F 165 14.84 -24.77 -42.05
C THR F 165 14.04 -24.29 -40.85
N THR F 166 13.20 -23.28 -41.08
CA THR F 166 12.30 -22.78 -40.05
C THR F 166 11.04 -23.62 -39.98
N THR F 167 10.32 -23.48 -38.86
CA THR F 167 8.96 -23.99 -38.76
C THR F 167 8.02 -23.08 -39.55
N PRO F 168 6.93 -23.63 -40.06
CA PRO F 168 5.96 -22.79 -40.78
C PRO F 168 5.35 -21.75 -39.88
N SER F 169 5.28 -20.51 -40.38
CA SER F 169 4.76 -19.37 -39.66
C SER F 169 3.46 -18.90 -40.33
N LYS F 170 2.43 -18.64 -39.53
CA LYS F 170 1.16 -18.21 -40.10
C LYS F 170 1.23 -16.75 -40.53
N GLN F 171 0.67 -16.48 -41.70
CA GLN F 171 0.68 -15.15 -42.29
C GLN F 171 -0.61 -14.42 -41.99
N SER F 172 -0.63 -13.14 -42.37
CA SER F 172 -1.81 -12.31 -42.18
C SER F 172 -3.02 -12.82 -42.96
N ASN F 173 -2.78 -13.49 -44.09
CA ASN F 173 -3.84 -14.02 -44.93
C ASN F 173 -4.19 -15.47 -44.60
N ASN F 174 -3.80 -15.96 -43.42
CA ASN F 174 -4.06 -17.30 -42.88
C ASN F 174 -3.21 -18.39 -43.55
N LYS F 175 -2.37 -18.05 -44.51
CA LYS F 175 -1.52 -19.06 -45.10
C LYS F 175 -0.20 -19.07 -44.35
N TYR F 176 0.74 -19.87 -44.80
CA TYR F 176 1.97 -20.03 -44.03
C TYR F 176 3.17 -19.74 -44.91
N ALA F 177 4.24 -19.33 -44.23
CA ALA F 177 5.53 -19.07 -44.84
C ALA F 177 6.55 -19.90 -44.12
N ALA F 178 7.66 -20.15 -44.79
CA ALA F 178 8.79 -20.85 -44.21
C ALA F 178 10.01 -20.46 -45.01
N SER F 179 11.18 -20.81 -44.50
CA SER F 179 12.41 -20.53 -45.24
C SER F 179 13.47 -21.54 -44.85
N SER F 180 14.32 -21.87 -45.82
CA SER F 180 15.40 -22.80 -45.62
C SER F 180 16.68 -22.17 -46.17
N TYR F 181 17.79 -22.50 -45.55
CA TYR F 181 19.08 -21.93 -45.90
C TYR F 181 20.09 -23.05 -46.05
N LEU F 182 20.87 -23.01 -47.12
CA LEU F 182 21.95 -23.97 -47.28
C LEU F 182 23.26 -23.19 -47.28
N SER F 183 24.13 -23.54 -46.34
CA SER F 183 25.42 -22.88 -46.17
C SER F 183 26.49 -23.82 -46.68
N LEU F 184 27.31 -23.32 -47.61
CA LEU F 184 28.40 -24.10 -48.18
C LEU F 184 29.60 -23.18 -48.38
N THR F 185 30.77 -23.80 -48.53
CA THR F 185 31.96 -23.06 -48.91
C THR F 185 31.76 -22.48 -50.32
N PRO F 186 32.43 -21.35 -50.62
CA PRO F 186 32.38 -20.83 -51.99
C PRO F 186 32.92 -21.83 -53.00
N GLU F 187 33.97 -22.57 -52.63
CA GLU F 187 34.51 -23.61 -53.49
C GLU F 187 33.40 -24.57 -53.93
N GLN F 188 32.54 -24.99 -52.99
CA GLN F 188 31.46 -25.90 -53.33
C GLN F 188 30.42 -25.26 -54.22
N TRP F 189 30.18 -23.95 -54.08
CA TRP F 189 29.22 -23.30 -54.96
C TRP F 189 29.71 -23.32 -56.40
N LYS F 190 30.97 -22.93 -56.62
CA LYS F 190 31.48 -22.87 -57.99
C LYS F 190 31.77 -24.25 -58.60
N SER F 191 31.93 -25.28 -57.78
CA SER F 191 32.32 -26.61 -58.26
C SER F 191 31.17 -27.48 -58.74
N HIS F 192 29.93 -26.98 -58.78
CA HIS F 192 28.79 -27.81 -59.13
C HIS F 192 27.95 -27.18 -60.23
N ARG F 193 27.24 -28.04 -60.97
CA ARG F 193 26.39 -27.57 -62.07
C ARG F 193 25.18 -26.80 -61.54
N SER F 194 24.53 -27.32 -60.50
CA SER F 194 23.25 -26.79 -60.04
C SER F 194 23.10 -27.05 -58.56
N TYR F 195 22.23 -26.27 -57.92
CA TYR F 195 21.76 -26.56 -56.58
C TYR F 195 20.25 -26.48 -56.54
N SER F 196 19.63 -27.41 -55.79
CA SER F 196 18.21 -27.72 -55.91
C SER F 196 17.50 -27.58 -54.58
N CYS F 197 16.42 -26.78 -54.57
CA CYS F 197 15.48 -26.71 -53.45
C CYS F 197 14.21 -27.42 -53.89
N GLN F 198 13.85 -28.48 -53.18
CA GLN F 198 12.66 -29.26 -53.46
C GLN F 198 11.73 -29.08 -52.27
N VAL F 199 10.51 -28.64 -52.51
CA VAL F 199 9.54 -28.43 -51.44
C VAL F 199 8.35 -29.32 -51.74
N THR F 200 8.07 -30.23 -50.82
CA THR F 200 6.92 -31.12 -50.97
C THR F 200 5.83 -30.64 -50.02
N HIS F 201 4.66 -30.39 -50.59
CA HIS F 201 3.51 -29.86 -49.87
C HIS F 201 2.28 -30.63 -50.33
N GLU F 202 1.63 -31.28 -49.38
CA GLU F 202 0.38 -32.01 -49.58
C GLU F 202 0.39 -32.79 -50.90
N GLY F 203 1.35 -33.71 -50.98
CA GLY F 203 1.42 -34.65 -52.07
C GLY F 203 1.88 -34.12 -53.41
N SER F 204 2.54 -32.97 -53.45
CA SER F 204 3.17 -32.57 -54.69
C SER F 204 4.51 -31.92 -54.37
N THR F 205 5.38 -31.87 -55.37
CA THR F 205 6.70 -31.31 -55.19
C THR F 205 6.92 -30.17 -56.16
N VAL F 206 7.62 -29.15 -55.69
CA VAL F 206 8.04 -28.01 -56.49
C VAL F 206 9.56 -27.97 -56.41
N GLU F 207 10.20 -27.72 -57.54
CA GLU F 207 11.66 -27.68 -57.59
C GLU F 207 12.10 -26.37 -58.18
N LYS F 208 13.07 -25.74 -57.54
CA LYS F 208 13.69 -24.53 -58.07
C LYS F 208 15.20 -24.76 -58.00
N THR F 209 15.92 -24.25 -58.99
CA THR F 209 17.36 -24.49 -59.07
C THR F 209 18.12 -23.22 -59.39
N VAL F 210 19.33 -23.14 -58.83
CA VAL F 210 20.20 -21.98 -58.95
C VAL F 210 21.59 -22.48 -59.34
N ALA F 211 22.27 -21.71 -60.18
CA ALA F 211 23.53 -22.15 -60.78
C ALA F 211 24.54 -21.05 -60.75
N PRO F 212 25.84 -21.35 -60.62
CA PRO F 212 26.87 -20.33 -60.58
C PRO F 212 26.91 -19.50 -61.86
N THR F 213 27.13 -18.19 -61.69
CA THR F 213 27.19 -17.25 -62.81
C THR F 213 28.06 -16.05 -62.42
#